data_6FH3
#
_entry.id   6FH3
#
_cell.length_a   49.000
_cell.length_b   77.110
_cell.length_c   94.130
_cell.angle_alpha   90.00
_cell.angle_beta   98.08
_cell.angle_gamma   90.00
#
_symmetry.space_group_name_H-M   'P 1 21 1'
#
loop_
_entity.id
_entity.type
_entity.pdbx_description
1 polymer 'Protein-arginine kinase'
2 non-polymer phospho-arginine
3 non-polymer 1,2-ETHANEDIOL
4 water water
#
_entity_poly.entity_id   1
_entity_poly.type   'polypeptide(L)'
_entity_poly.pdbx_seq_one_letter_code
;MASMSFGKFFNTAVSAWMSQEGPNSDIVLSSRIRLARNIVDFRFPTLFSSEEAKQIVALFERAFVHRPYGEAGRFELLKM
SELQPIEKRVLVEKHLISPHLAEDSPFGACLLSENEEISIMINEEDHIRIQCLFPGLQLAEALEAASELDDWIEGHVNYA
FDERLGYLTSCPTNVGTGLRASVMMHLPALVLTQQINRIIPAINQLGLVVRGTYGEGSEALGNIFQISNQITLGKSEEDI
VADLHTIVEQLIAQERAARQALVKTLGIQLEDKVFRSYGILANCRVIDSKEAAQCLSDVRLGIDLGYIKNVSRNILNELM
ILTQPGFLQQYAGGVLRPEERDVRRAALIRERLRMETRLEHHHHHH
;
_entity_poly.pdbx_strand_id   A,B
#
# COMPACT_ATOMS: atom_id res chain seq x y z
N GLY A 7 15.95 -31.56 5.83
CA GLY A 7 15.12 -30.97 6.86
C GLY A 7 15.26 -29.48 6.86
N LYS A 8 16.47 -28.99 7.19
CA LYS A 8 16.78 -27.58 7.00
C LYS A 8 16.76 -27.18 5.54
N PHE A 9 16.92 -28.15 4.61
CA PHE A 9 16.81 -27.83 3.20
C PHE A 9 15.44 -27.26 2.86
N PHE A 10 14.42 -27.63 3.64
CA PHE A 10 13.07 -27.22 3.33
C PHE A 10 12.54 -26.10 4.21
N ASN A 11 13.12 -25.85 5.38
CA ASN A 11 12.55 -24.90 6.31
CA ASN A 11 12.55 -24.90 6.31
C ASN A 11 13.36 -23.62 6.46
N THR A 12 14.53 -23.52 5.84
CA THR A 12 15.29 -22.28 5.80
C THR A 12 15.17 -21.72 4.39
N ALA A 13 14.76 -20.45 4.29
CA ALA A 13 14.56 -19.92 2.95
C ALA A 13 15.90 -19.56 2.32
N VAL A 14 16.78 -18.96 3.10
CA VAL A 14 18.09 -18.57 2.60
C VAL A 14 19.13 -19.13 3.54
N SER A 15 19.98 -19.99 3.01
CA SER A 15 21.05 -20.57 3.80
C SER A 15 21.99 -19.48 4.28
N ALA A 16 22.74 -19.81 5.34
CA ALA A 16 23.85 -18.94 5.75
C ALA A 16 24.79 -18.69 4.58
N TRP A 17 25.02 -19.71 3.76
CA TRP A 17 25.87 -19.57 2.60
C TRP A 17 25.35 -18.50 1.65
N MET A 18 24.07 -18.57 1.30
CA MET A 18 23.55 -17.61 0.34
C MET A 18 23.23 -16.27 0.98
N SER A 19 23.29 -16.19 2.30
CA SER A 19 23.03 -14.94 3.00
C SER A 19 24.25 -14.02 3.02
N GLN A 20 25.43 -14.53 2.70
CA GLN A 20 26.62 -13.70 2.66
C GLN A 20 26.48 -12.65 1.58
N GLU A 21 26.88 -11.42 1.89
CA GLU A 21 26.99 -10.43 0.84
C GLU A 21 28.12 -10.82 -0.08
N GLY A 22 27.85 -10.84 -1.38
CA GLY A 22 28.85 -11.11 -2.37
C GLY A 22 29.27 -9.82 -3.06
N PRO A 23 30.14 -9.94 -4.05
CA PRO A 23 30.43 -8.79 -4.92
C PRO A 23 29.15 -8.34 -5.63
N ASN A 24 28.92 -7.03 -5.60
CA ASN A 24 27.78 -6.40 -6.30
C ASN A 24 26.47 -7.09 -5.95
N SER A 25 26.35 -7.60 -4.72
CA SER A 25 25.20 -8.43 -4.40
C SER A 25 23.92 -7.63 -4.26
N ASP A 26 24.00 -6.30 -4.29
CA ASP A 26 22.78 -5.53 -4.31
C ASP A 26 22.03 -5.76 -5.63
N ILE A 27 22.76 -5.92 -6.72
CA ILE A 27 22.14 -6.16 -8.01
C ILE A 27 22.23 -7.62 -8.42
N VAL A 28 23.38 -8.24 -8.19
CA VAL A 28 23.60 -9.64 -8.56
C VAL A 28 23.25 -10.46 -7.32
N LEU A 29 22.14 -11.17 -7.39
CA LEU A 29 21.71 -11.93 -6.22
C LEU A 29 22.53 -13.20 -6.07
N SER A 30 22.87 -13.79 -7.19
CA SER A 30 23.52 -15.09 -7.08
C SER A 30 24.25 -15.37 -8.37
N SER A 31 25.22 -16.28 -8.25
CA SER A 31 26.02 -16.76 -9.36
C SER A 31 25.92 -18.27 -9.31
N ARG A 32 25.65 -18.88 -10.45
CA ARG A 32 25.46 -20.32 -10.50
C ARG A 32 26.31 -20.89 -11.61
N ILE A 33 26.92 -22.02 -11.34
CA ILE A 33 27.58 -22.80 -12.36
C ILE A 33 26.92 -24.16 -12.32
N ARG A 34 26.37 -24.59 -13.45
CA ARG A 34 25.86 -25.94 -13.60
CA ARG A 34 25.89 -25.96 -13.56
C ARG A 34 26.72 -26.66 -14.63
N LEU A 35 27.08 -27.91 -14.32
CA LEU A 35 27.89 -28.74 -15.20
C LEU A 35 27.11 -30.03 -15.44
N ALA A 36 26.74 -30.24 -16.70
CA ALA A 36 25.95 -31.39 -17.07
C ALA A 36 26.90 -32.48 -17.53
N ARG A 37 26.65 -33.69 -17.07
CA ARG A 37 27.45 -34.81 -17.52
C ARG A 37 26.58 -36.05 -17.53
N ASN A 38 26.94 -36.97 -18.39
CA ASN A 38 26.40 -38.30 -18.35
C ASN A 38 27.51 -39.28 -18.05
N ILE A 39 27.12 -40.39 -17.45
CA ILE A 39 27.99 -41.45 -16.98
C ILE A 39 28.19 -42.44 -18.12
N VAL A 40 29.43 -42.87 -18.31
CA VAL A 40 29.67 -43.89 -19.32
C VAL A 40 28.91 -45.15 -18.93
N ASP A 41 28.46 -45.88 -19.95
CA ASP A 41 27.83 -47.20 -19.78
C ASP A 41 26.40 -47.10 -19.25
N PHE A 42 25.84 -45.90 -19.17
CA PHE A 42 24.43 -45.74 -18.90
C PHE A 42 23.83 -44.94 -20.03
N ARG A 43 22.66 -45.39 -20.49
CA ARG A 43 21.95 -44.58 -21.46
C ARG A 43 21.56 -43.27 -20.81
N PHE A 44 21.48 -42.24 -21.63
CA PHE A 44 21.14 -40.92 -21.12
C PHE A 44 19.68 -40.91 -20.67
N PRO A 45 19.32 -39.98 -19.75
CA PRO A 45 17.96 -40.00 -19.19
C PRO A 45 16.86 -39.98 -20.23
N THR A 46 17.11 -39.44 -21.43
CA THR A 46 16.11 -39.47 -22.49
C THR A 46 15.95 -40.85 -23.09
N LEU A 47 16.84 -41.79 -22.79
CA LEU A 47 16.80 -43.13 -23.34
C LEU A 47 16.84 -44.24 -22.31
N PHE A 48 17.20 -43.94 -21.06
CA PHE A 48 17.54 -45.04 -20.18
C PHE A 48 16.30 -45.74 -19.65
N SER A 49 16.51 -46.94 -19.16
CA SER A 49 15.48 -47.71 -18.50
C SER A 49 15.36 -47.25 -17.07
N SER A 50 14.25 -47.63 -16.43
CA SER A 50 14.11 -47.35 -15.01
C SER A 50 15.17 -48.07 -14.21
N GLU A 51 15.58 -49.27 -14.64
CA GLU A 51 16.64 -49.98 -13.95
C GLU A 51 17.95 -49.20 -13.99
N GLU A 52 18.29 -48.66 -15.15
CA GLU A 52 19.51 -47.86 -15.26
C GLU A 52 19.41 -46.61 -14.40
N ALA A 53 18.25 -45.95 -14.47
CA ALA A 53 18.05 -44.74 -13.68
C ALA A 53 18.25 -44.99 -12.21
N LYS A 54 17.70 -46.11 -11.71
CA LYS A 54 17.89 -46.48 -10.31
C LYS A 54 19.32 -46.83 -10.01
N GLN A 55 20.02 -47.49 -10.94
CA GLN A 55 21.42 -47.81 -10.72
C GLN A 55 22.24 -46.54 -10.63
N ILE A 56 21.87 -45.53 -11.43
CA ILE A 56 22.58 -44.27 -11.40
C ILE A 56 22.41 -43.62 -10.03
N VAL A 57 21.16 -43.57 -9.54
CA VAL A 57 20.92 -43.06 -8.19
C VAL A 57 21.72 -43.84 -7.18
N ALA A 58 21.72 -45.18 -7.29
CA ALA A 58 22.42 -46.02 -6.33
C ALA A 58 23.92 -45.75 -6.37
N LEU A 59 24.49 -45.61 -7.57
CA LEU A 59 25.89 -45.23 -7.69
C LEU A 59 26.19 -43.96 -6.90
N PHE A 60 25.43 -42.91 -7.18
CA PHE A 60 25.68 -41.65 -6.47
C PHE A 60 25.34 -41.77 -4.99
N GLU A 61 24.30 -42.53 -4.67
CA GLU A 61 23.98 -42.75 -3.26
C GLU A 61 25.13 -43.40 -2.53
N ARG A 62 25.65 -44.50 -3.08
CA ARG A 62 26.74 -45.19 -2.40
C ARG A 62 27.98 -44.33 -2.33
N ALA A 63 28.27 -43.59 -3.42
CA ALA A 63 29.51 -42.83 -3.44
C ALA A 63 29.43 -41.59 -2.56
N PHE A 64 28.26 -40.97 -2.46
CA PHE A 64 28.23 -39.60 -1.96
C PHE A 64 27.30 -39.33 -0.80
N VAL A 65 26.40 -40.24 -0.45
CA VAL A 65 25.50 -39.96 0.67
C VAL A 65 26.32 -39.82 1.94
N HIS A 66 26.10 -38.73 2.67
CA HIS A 66 26.83 -38.34 3.87
C HIS A 66 28.33 -38.14 3.63
N ARG A 67 28.78 -38.08 2.38
CA ARG A 67 30.19 -37.91 2.15
C ARG A 67 30.57 -36.50 2.53
N PRO A 68 31.64 -36.30 3.31
CA PRO A 68 32.04 -34.94 3.63
C PRO A 68 32.61 -34.23 2.42
N TYR A 69 32.27 -32.95 2.32
CA TYR A 69 32.82 -32.10 1.27
C TYR A 69 33.38 -30.82 1.89
N GLY A 70 34.17 -31.00 2.93
CA GLY A 70 34.93 -29.89 3.49
C GLY A 70 34.00 -28.88 4.12
N GLU A 71 34.24 -27.62 3.78
CA GLU A 71 33.48 -26.53 4.36
C GLU A 71 32.01 -26.59 3.99
N ALA A 72 31.67 -27.25 2.87
CA ALA A 72 30.27 -27.31 2.48
C ALA A 72 29.49 -28.31 3.32
N GLY A 73 30.14 -29.03 4.21
CA GLY A 73 29.50 -30.05 4.99
C GLY A 73 29.37 -31.31 4.17
N ARG A 74 28.52 -32.20 4.63
CA ARG A 74 28.39 -33.45 3.92
C ARG A 74 27.21 -33.38 2.95
N PHE A 75 27.23 -34.29 1.99
CA PHE A 75 26.16 -34.38 1.02
C PHE A 75 25.01 -35.17 1.60
N GLU A 76 23.81 -34.68 1.38
CA GLU A 76 22.60 -35.43 1.67
C GLU A 76 21.93 -35.79 0.35
N LEU A 77 21.36 -36.98 0.28
CA LEU A 77 20.67 -37.40 -0.92
C LEU A 77 19.17 -37.25 -0.75
N LEU A 78 18.56 -36.45 -1.60
CA LEU A 78 17.12 -36.31 -1.68
C LEU A 78 16.68 -36.98 -2.97
N LYS A 79 15.82 -37.97 -2.87
CA LYS A 79 15.25 -38.61 -4.04
C LYS A 79 13.92 -37.97 -4.34
N MET A 80 13.73 -37.55 -5.60
CA MET A 80 12.48 -36.92 -5.98
C MET A 80 11.30 -37.84 -5.69
N SER A 81 11.47 -39.15 -5.90
CA SER A 81 10.41 -40.09 -5.58
C SER A 81 10.06 -40.10 -4.09
N GLU A 82 10.94 -39.62 -3.23
CA GLU A 82 10.67 -39.63 -1.80
C GLU A 82 10.17 -38.29 -1.29
N LEU A 83 10.04 -37.31 -2.17
CA LEU A 83 9.57 -35.99 -1.82
C LEU A 83 8.17 -35.77 -2.36
N GLN A 84 7.44 -34.87 -1.68
CA GLN A 84 6.14 -34.39 -2.10
C GLN A 84 6.30 -33.19 -3.02
N PRO A 85 5.29 -32.86 -3.83
CA PRO A 85 5.43 -31.73 -4.76
C PRO A 85 5.72 -30.41 -4.08
N ILE A 86 5.24 -30.19 -2.85
CA ILE A 86 5.56 -28.95 -2.12
C ILE A 86 7.04 -28.95 -1.75
N GLU A 87 7.54 -30.06 -1.22
CA GLU A 87 8.95 -30.16 -0.89
C GLU A 87 9.80 -29.91 -2.13
N LYS A 88 9.43 -30.53 -3.25
CA LYS A 88 10.21 -30.33 -4.47
C LYS A 88 10.09 -28.90 -4.96
N ARG A 89 8.89 -28.31 -4.84
CA ARG A 89 8.76 -26.90 -5.21
C ARG A 89 9.65 -26.03 -4.34
N VAL A 90 9.76 -26.35 -3.06
CA VAL A 90 10.64 -25.59 -2.18
C VAL A 90 12.07 -25.63 -2.68
N LEU A 91 12.52 -26.81 -3.09
CA LEU A 91 13.88 -26.93 -3.60
C LEU A 91 14.04 -26.14 -4.89
N VAL A 92 13.00 -26.11 -5.72
CA VAL A 92 13.04 -25.28 -6.93
C VAL A 92 13.10 -23.81 -6.55
N GLU A 93 12.23 -23.42 -5.62
CA GLU A 93 12.16 -22.02 -5.22
C GLU A 93 13.44 -21.57 -4.54
N LYS A 94 14.13 -22.46 -3.84
CA LYS A 94 15.44 -22.12 -3.31
C LYS A 94 16.55 -22.22 -4.33
N HIS A 95 16.23 -22.55 -5.58
CA HIS A 95 17.18 -22.64 -6.68
C HIS A 95 18.14 -23.82 -6.51
N LEU A 96 17.78 -24.78 -5.64
CA LEU A 96 18.64 -25.94 -5.41
C LEU A 96 18.42 -27.00 -6.46
N ILE A 97 17.22 -27.11 -7.03
CA ILE A 97 16.99 -28.06 -8.10
C ILE A 97 16.21 -27.34 -9.19
N SER A 98 16.23 -27.91 -10.33
CA SER A 98 15.53 -27.38 -11.48
C SER A 98 14.07 -27.84 -11.49
N PRO A 99 13.19 -27.04 -12.08
CA PRO A 99 11.82 -27.54 -12.32
C PRO A 99 11.80 -28.89 -12.98
N HIS A 100 12.72 -29.12 -13.93
CA HIS A 100 12.82 -30.42 -14.59
C HIS A 100 13.01 -31.54 -13.57
N LEU A 101 13.96 -31.38 -12.65
CA LEU A 101 14.17 -32.41 -11.64
C LEU A 101 12.95 -32.56 -10.75
N ALA A 102 12.32 -31.44 -10.40
CA ALA A 102 11.19 -31.48 -9.47
C ALA A 102 9.97 -32.15 -10.08
N GLU A 103 9.75 -31.97 -11.37
CA GLU A 103 8.50 -32.41 -11.98
C GLU A 103 8.67 -33.49 -13.03
N ASP A 104 9.83 -33.57 -13.69
CA ASP A 104 9.96 -34.32 -14.92
C ASP A 104 11.01 -35.42 -14.85
N SER A 105 11.44 -35.80 -13.64
CA SER A 105 12.48 -36.79 -13.46
C SER A 105 12.02 -37.77 -12.40
N PRO A 106 11.25 -38.80 -12.79
CA PRO A 106 10.73 -39.74 -11.79
C PRO A 106 11.83 -40.35 -10.95
N PHE A 107 12.97 -40.61 -11.60
CA PHE A 107 14.14 -41.18 -10.95
C PHE A 107 15.16 -40.11 -10.62
N GLY A 108 14.72 -38.87 -10.55
CA GLY A 108 15.61 -37.78 -10.19
C GLY A 108 15.97 -37.84 -8.72
N ALA A 109 17.12 -37.26 -8.42
CA ALA A 109 17.53 -37.13 -7.05
C ALA A 109 18.47 -35.94 -7.01
N CYS A 110 18.80 -35.50 -5.82
CA CYS A 110 19.76 -34.43 -5.70
CA CYS A 110 19.79 -34.45 -5.72
C CYS A 110 20.63 -34.67 -4.48
N LEU A 111 21.94 -34.57 -4.68
CA LEU A 111 22.88 -34.52 -3.58
C LEU A 111 23.05 -33.06 -3.23
N LEU A 112 22.68 -32.70 -2.03
CA LEU A 112 22.79 -31.33 -1.57
C LEU A 112 23.85 -31.28 -0.49
N SER A 113 24.76 -30.32 -0.62
CA SER A 113 25.66 -30.04 0.48
C SER A 113 24.88 -29.43 1.63
N GLU A 114 25.36 -29.71 2.84
CA GLU A 114 24.68 -29.17 4.00
C GLU A 114 24.65 -27.65 3.97
N ASN A 115 25.66 -27.01 3.40
CA ASN A 115 25.58 -25.56 3.36
C ASN A 115 24.73 -25.05 2.19
N GLU A 116 24.16 -25.95 1.40
CA GLU A 116 23.31 -25.67 0.23
C GLU A 116 24.03 -24.86 -0.85
N GLU A 117 25.36 -24.87 -0.83
CA GLU A 117 26.12 -24.28 -1.93
C GLU A 117 26.12 -25.20 -3.14
N ILE A 118 26.08 -26.50 -2.90
CA ILE A 118 26.28 -27.48 -3.95
C ILE A 118 25.02 -28.29 -4.07
N SER A 119 24.54 -28.42 -5.28
CA SER A 119 23.44 -29.31 -5.60
CA SER A 119 23.42 -29.30 -5.62
C SER A 119 23.88 -30.16 -6.77
N ILE A 120 23.98 -31.46 -6.55
CA ILE A 120 24.29 -32.36 -7.64
C ILE A 120 22.97 -33.02 -7.99
N MET A 121 22.40 -32.59 -9.10
CA MET A 121 21.16 -33.18 -9.54
C MET A 121 21.49 -34.45 -10.28
N ILE A 122 20.68 -35.47 -10.05
CA ILE A 122 20.89 -36.79 -10.60
C ILE A 122 19.66 -37.16 -11.43
N ASN A 123 19.89 -37.63 -12.65
CA ASN A 123 18.80 -38.00 -13.54
C ASN A 123 17.90 -36.80 -13.75
N GLU A 124 18.53 -35.67 -13.99
CA GLU A 124 17.82 -34.51 -14.47
C GLU A 124 17.72 -34.70 -15.99
N GLU A 125 18.18 -33.73 -16.77
CA GLU A 125 18.20 -33.98 -18.21
C GLU A 125 19.38 -34.86 -18.58
N ASP A 126 20.43 -34.82 -17.77
CA ASP A 126 21.58 -35.70 -17.84
C ASP A 126 21.66 -36.48 -16.53
N HIS A 127 22.52 -37.50 -16.51
CA HIS A 127 22.71 -38.25 -15.27
C HIS A 127 23.10 -37.33 -14.14
N ILE A 128 23.90 -36.31 -14.44
CA ILE A 128 24.46 -35.43 -13.42
C ILE A 128 24.31 -34.01 -13.89
N ARG A 129 23.81 -33.16 -13.01
CA ARG A 129 23.90 -31.72 -13.19
CA ARG A 129 23.87 -31.72 -13.18
C ARG A 129 24.52 -31.19 -11.90
N ILE A 130 25.80 -30.88 -11.97
CA ILE A 130 26.54 -30.36 -10.83
C ILE A 130 26.24 -28.89 -10.74
N GLN A 131 25.73 -28.43 -9.61
CA GLN A 131 25.42 -27.02 -9.48
C GLN A 131 26.17 -26.44 -8.29
N CYS A 132 26.83 -25.31 -8.51
CA CYS A 132 27.41 -24.55 -7.41
C CYS A 132 26.73 -23.19 -7.43
N LEU A 133 26.21 -22.80 -6.28
CA LEU A 133 25.47 -21.56 -6.15
CA LEU A 133 25.45 -21.57 -6.12
C LEU A 133 26.23 -20.65 -5.21
N PHE A 134 26.55 -19.45 -5.69
CA PHE A 134 27.24 -18.50 -4.87
C PHE A 134 26.43 -17.22 -4.77
N PRO A 135 26.46 -16.54 -3.63
CA PRO A 135 25.75 -15.26 -3.52
C PRO A 135 26.51 -14.16 -4.23
N GLY A 136 25.78 -13.14 -4.67
CA GLY A 136 26.40 -12.06 -5.38
C GLY A 136 27.05 -12.54 -6.67
N LEU A 137 28.01 -11.75 -7.15
CA LEU A 137 28.67 -12.00 -8.41
C LEU A 137 29.98 -12.68 -8.09
N GLN A 138 29.96 -14.00 -8.17
CA GLN A 138 31.14 -14.80 -7.86
C GLN A 138 31.26 -15.90 -8.89
N LEU A 139 31.26 -15.52 -10.17
CA LEU A 139 31.30 -16.52 -11.22
C LEU A 139 32.63 -17.26 -11.24
N ALA A 140 33.75 -16.55 -11.03
CA ALA A 140 35.05 -17.23 -11.01
C ALA A 140 35.13 -18.21 -9.85
N GLU A 141 34.67 -17.80 -8.67
CA GLU A 141 34.69 -18.69 -7.51
C GLU A 141 33.73 -19.85 -7.68
N ALA A 142 32.57 -19.59 -8.27
CA ALA A 142 31.62 -20.67 -8.51
C ALA A 142 32.18 -21.64 -9.53
N LEU A 143 32.82 -21.14 -10.58
CA LEU A 143 33.37 -22.04 -11.58
C LEU A 143 34.50 -22.86 -10.98
N GLU A 144 35.36 -22.22 -10.18
CA GLU A 144 36.40 -22.95 -9.49
C GLU A 144 35.80 -24.01 -8.58
N ALA A 145 34.76 -23.64 -7.82
CA ALA A 145 34.10 -24.60 -6.95
C ALA A 145 33.49 -25.74 -7.74
N ALA A 146 32.78 -25.40 -8.83
CA ALA A 146 32.17 -26.44 -9.64
C ALA A 146 33.20 -27.32 -10.32
N SER A 147 34.28 -26.73 -10.84
CA SER A 147 35.29 -27.55 -11.52
C SER A 147 36.00 -28.48 -10.54
N GLU A 148 36.27 -27.97 -9.33
CA GLU A 148 36.82 -28.79 -8.26
C GLU A 148 35.90 -29.96 -7.94
N LEU A 149 34.61 -29.68 -7.83
CA LEU A 149 33.63 -30.71 -7.52
C LEU A 149 33.49 -31.67 -8.67
N ASP A 150 33.53 -31.14 -9.90
CA ASP A 150 33.47 -31.97 -11.09
C ASP A 150 34.57 -33.02 -11.09
N ASP A 151 35.81 -32.59 -10.84
CA ASP A 151 36.94 -33.51 -10.75
C ASP A 151 36.76 -34.48 -9.61
N TRP A 152 36.30 -33.99 -8.47
CA TRP A 152 36.06 -34.82 -7.30
C TRP A 152 35.03 -35.90 -7.58
N ILE A 153 33.92 -35.52 -8.22
CA ILE A 153 32.93 -36.50 -8.62
C ILE A 153 33.51 -37.48 -9.62
N GLU A 154 34.26 -36.97 -10.61
CA GLU A 154 34.84 -37.82 -11.64
C GLU A 154 35.80 -38.85 -11.06
N GLY A 155 36.26 -38.68 -9.82
CA GLY A 155 36.98 -39.75 -9.15
C GLY A 155 36.11 -40.95 -8.77
N HIS A 156 34.79 -40.82 -8.92
CA HIS A 156 33.86 -41.89 -8.59
C HIS A 156 32.97 -42.29 -9.76
N VAL A 157 32.97 -41.52 -10.84
CA VAL A 157 32.19 -41.84 -12.03
C VAL A 157 33.03 -41.46 -13.23
N ASN A 158 32.80 -42.16 -14.33
CA ASN A 158 33.43 -41.82 -15.59
C ASN A 158 32.40 -41.09 -16.44
N TYR A 159 32.77 -39.90 -16.91
CA TYR A 159 31.87 -39.12 -17.72
C TYR A 159 31.93 -39.54 -19.18
N ALA A 160 30.77 -39.66 -19.80
CA ALA A 160 30.73 -39.80 -21.25
C ALA A 160 31.32 -38.55 -21.87
N PHE A 161 32.39 -38.71 -22.61
CA PHE A 161 33.13 -37.56 -23.12
C PHE A 161 33.69 -37.92 -24.48
N ASP A 162 33.51 -37.03 -25.44
CA ASP A 162 34.12 -37.18 -26.75
C ASP A 162 35.10 -36.04 -26.94
N GLU A 163 36.29 -36.38 -27.46
CA GLU A 163 37.32 -35.36 -27.65
C GLU A 163 36.80 -34.20 -28.49
N ARG A 164 35.99 -34.50 -29.50
CA ARG A 164 35.46 -33.48 -30.39
C ARG A 164 34.23 -32.80 -29.80
N LEU A 165 33.24 -33.58 -29.38
CA LEU A 165 31.94 -33.03 -29.00
C LEU A 165 31.86 -32.66 -27.53
N GLY A 166 32.89 -32.97 -26.74
CA GLY A 166 32.86 -32.65 -25.33
C GLY A 166 32.02 -33.64 -24.55
N TYR A 167 31.46 -33.17 -23.45
CA TYR A 167 30.61 -34.03 -22.65
C TYR A 167 29.33 -34.33 -23.42
N LEU A 168 29.04 -35.60 -23.58
CA LEU A 168 27.81 -36.02 -24.24
C LEU A 168 26.63 -35.79 -23.31
N THR A 169 25.71 -34.95 -23.73
CA THR A 169 24.57 -34.53 -22.96
C THR A 169 23.31 -34.84 -23.75
N SER A 170 22.17 -34.75 -23.07
CA SER A 170 20.89 -35.06 -23.70
C SER A 170 20.32 -33.88 -24.45
N CYS A 171 20.70 -32.66 -24.06
CA CYS A 171 20.14 -31.44 -24.58
C CYS A 171 21.12 -30.74 -25.49
N PRO A 172 20.64 -30.24 -26.63
CA PRO A 172 21.49 -29.39 -27.48
C PRO A 172 22.08 -28.21 -26.74
N THR A 173 21.40 -27.75 -25.69
CA THR A 173 21.82 -26.55 -24.96
C THR A 173 22.94 -26.81 -23.98
N ASN A 174 23.37 -28.07 -23.80
CA ASN A 174 24.50 -28.39 -22.95
C ASN A 174 25.69 -28.91 -23.73
N VAL A 175 25.58 -28.99 -25.07
CA VAL A 175 26.60 -29.64 -25.87
C VAL A 175 27.96 -28.99 -25.64
N GLY A 176 28.97 -29.85 -25.49
CA GLY A 176 30.35 -29.40 -25.37
C GLY A 176 30.83 -29.41 -23.95
N THR A 177 30.85 -28.22 -23.33
CA THR A 177 31.31 -28.12 -21.94
C THR A 177 30.29 -28.65 -20.97
N GLY A 178 29.02 -28.74 -21.37
CA GLY A 178 28.00 -29.01 -20.39
C GLY A 178 27.83 -27.89 -19.39
N LEU A 179 28.38 -26.73 -19.66
CA LEU A 179 28.49 -25.67 -18.67
C LEU A 179 27.35 -24.69 -18.88
N ARG A 180 26.57 -24.45 -17.85
CA ARG A 180 25.67 -23.31 -17.81
CA ARG A 180 25.68 -23.31 -17.81
C ARG A 180 26.13 -22.43 -16.66
N ALA A 181 26.54 -21.21 -16.98
CA ALA A 181 26.93 -20.22 -15.99
C ALA A 181 25.82 -19.18 -16.00
N SER A 182 25.34 -18.82 -14.84
CA SER A 182 24.23 -17.91 -14.81
C SER A 182 24.41 -16.98 -13.62
N VAL A 183 23.80 -15.82 -13.75
CA VAL A 183 23.69 -14.92 -12.64
C VAL A 183 22.23 -14.53 -12.56
N MET A 184 21.75 -14.34 -11.34
CA MET A 184 20.45 -13.77 -11.11
CA MET A 184 20.45 -13.77 -11.09
C MET A 184 20.65 -12.30 -10.78
N MET A 185 20.01 -11.44 -11.54
CA MET A 185 20.21 -10.02 -11.41
C MET A 185 18.88 -9.34 -11.17
N HIS A 186 18.90 -8.41 -10.23
CA HIS A 186 17.75 -7.56 -9.98
C HIS A 186 17.96 -6.29 -10.79
N LEU A 187 17.14 -6.12 -11.81
CA LEU A 187 17.33 -5.04 -12.77
C LEU A 187 16.08 -4.16 -12.80
N PRO A 188 15.62 -3.67 -11.64
CA PRO A 188 14.38 -2.90 -11.65
C PRO A 188 14.49 -1.61 -12.43
N ALA A 189 15.64 -0.94 -12.41
CA ALA A 189 15.75 0.33 -13.13
C ALA A 189 15.73 0.12 -14.62
N LEU A 190 16.47 -0.89 -15.13
CA LEU A 190 16.43 -1.16 -16.57
C LEU A 190 15.05 -1.56 -17.01
N VAL A 191 14.29 -2.24 -16.14
CA VAL A 191 12.91 -2.54 -16.46
C VAL A 191 12.08 -1.26 -16.47
N LEU A 192 12.25 -0.41 -15.46
CA LEU A 192 11.45 0.80 -15.38
C LEU A 192 11.79 1.77 -16.49
N THR A 193 13.08 1.94 -16.80
CA THR A 193 13.50 2.82 -17.88
C THR A 193 13.21 2.25 -19.25
N GLN A 194 12.57 1.07 -19.34
CA GLN A 194 12.27 0.38 -20.58
C GLN A 194 13.54 -0.08 -21.29
N GLN A 195 14.71 0.26 -20.77
CA GLN A 195 15.97 -0.15 -21.39
C GLN A 195 16.00 -1.67 -21.61
N ILE A 196 15.59 -2.44 -20.60
CA ILE A 196 15.69 -3.90 -20.61
C ILE A 196 15.22 -4.46 -21.95
N ASN A 197 14.25 -3.78 -22.58
CA ASN A 197 13.76 -4.21 -23.89
C ASN A 197 14.86 -4.18 -24.94
N ARG A 198 15.78 -3.23 -24.88
CA ARG A 198 16.87 -3.22 -25.84
C ARG A 198 18.01 -4.12 -25.40
N ILE A 199 18.24 -4.20 -24.09
CA ILE A 199 19.39 -4.96 -23.60
C ILE A 199 19.22 -6.45 -23.87
N ILE A 200 18.00 -6.98 -23.66
CA ILE A 200 17.79 -8.43 -23.77
C ILE A 200 18.14 -8.96 -25.16
N PRO A 201 17.65 -8.37 -26.25
CA PRO A 201 18.11 -8.85 -27.57
C PRO A 201 19.59 -8.59 -27.81
N ALA A 202 20.13 -7.50 -27.28
CA ALA A 202 21.56 -7.24 -27.46
C ALA A 202 22.40 -8.33 -26.80
N ILE A 203 21.99 -8.76 -25.62
CA ILE A 203 22.74 -9.78 -24.89
C ILE A 203 22.56 -11.14 -25.56
N ASN A 204 21.35 -11.40 -26.07
CA ASN A 204 21.09 -12.65 -26.76
C ASN A 204 21.98 -12.80 -27.99
N GLN A 205 22.39 -11.68 -28.58
CA GLN A 205 23.23 -11.69 -29.77
CA GLN A 205 23.21 -11.78 -29.77
C GLN A 205 24.69 -11.97 -29.47
N LEU A 206 25.09 -11.84 -28.21
CA LEU A 206 26.46 -12.12 -27.79
C LEU A 206 26.66 -13.56 -27.31
N GLY A 207 25.68 -14.43 -27.51
CA GLY A 207 25.81 -15.77 -27.01
C GLY A 207 25.40 -15.93 -25.56
N LEU A 208 24.69 -14.95 -25.01
CA LEU A 208 24.02 -15.12 -23.72
C LEU A 208 22.52 -15.14 -23.91
N VAL A 209 21.82 -15.45 -22.83
CA VAL A 209 20.36 -15.49 -22.85
C VAL A 209 19.86 -14.91 -21.53
N VAL A 210 18.74 -14.20 -21.60
CA VAL A 210 18.11 -13.58 -20.45
C VAL A 210 16.80 -14.29 -20.21
N ARG A 211 16.70 -14.93 -19.07
CA ARG A 211 15.51 -15.71 -18.72
C ARG A 211 14.93 -15.15 -17.44
N GLY A 212 13.79 -15.71 -17.05
CA GLY A 212 13.12 -15.33 -15.82
C GLY A 212 13.79 -15.93 -14.60
N THR A 213 13.14 -15.72 -13.45
CA THR A 213 13.74 -16.04 -12.17
C THR A 213 14.00 -17.54 -12.01
N TYR A 214 13.14 -18.37 -12.59
CA TYR A 214 13.29 -19.82 -12.49
C TYR A 214 13.59 -20.42 -13.85
N GLY A 215 14.43 -19.72 -14.62
CA GLY A 215 14.99 -20.27 -15.84
C GLY A 215 14.05 -20.20 -17.04
N GLU A 216 14.23 -21.18 -17.92
CA GLU A 216 13.51 -21.21 -19.19
C GLU A 216 12.00 -21.28 -18.96
N GLY A 217 11.26 -20.45 -19.68
CA GLY A 217 9.82 -20.48 -19.64
C GLY A 217 9.18 -19.85 -18.41
N SER A 218 9.98 -19.31 -17.49
CA SER A 218 9.45 -18.64 -16.32
C SER A 218 9.52 -17.12 -16.50
N GLU A 219 8.72 -16.43 -15.72
CA GLU A 219 8.71 -14.98 -15.83
C GLU A 219 9.73 -14.37 -14.88
N ALA A 220 10.14 -13.15 -15.20
CA ALA A 220 11.02 -12.39 -14.32
C ALA A 220 10.23 -11.93 -13.09
N LEU A 221 10.13 -12.79 -12.08
CA LEU A 221 9.51 -12.38 -10.82
C LEU A 221 10.29 -11.23 -10.23
N GLY A 222 9.61 -10.12 -9.93
CA GLY A 222 10.26 -9.03 -9.23
C GLY A 222 11.47 -8.46 -9.93
N ASN A 223 11.44 -8.41 -11.25
CA ASN A 223 12.54 -7.89 -12.06
C ASN A 223 13.84 -8.61 -11.78
N ILE A 224 13.74 -9.89 -11.46
CA ILE A 224 14.89 -10.76 -11.26
C ILE A 224 15.09 -11.52 -12.56
N PHE A 225 16.20 -11.27 -13.22
CA PHE A 225 16.51 -11.87 -14.51
C PHE A 225 17.65 -12.84 -14.34
N GLN A 226 17.57 -13.98 -15.02
CA GLN A 226 18.68 -14.90 -15.07
C GLN A 226 19.46 -14.63 -16.36
N ILE A 227 20.72 -14.25 -16.21
CA ILE A 227 21.61 -14.07 -17.36
C ILE A 227 22.51 -15.28 -17.39
N SER A 228 22.52 -15.99 -18.51
CA SER A 228 23.33 -17.19 -18.61
C SER A 228 23.99 -17.25 -19.98
N ASN A 229 25.04 -18.06 -20.08
CA ASN A 229 25.59 -18.34 -21.40
C ASN A 229 24.63 -19.19 -22.21
N GLN A 230 24.60 -18.93 -23.52
CA GLN A 230 23.99 -19.82 -24.49
C GLN A 230 25.03 -20.72 -25.14
N ILE A 231 26.25 -20.21 -25.29
CA ILE A 231 27.36 -20.96 -25.87
C ILE A 231 27.92 -21.93 -24.82
N THR A 232 27.90 -23.21 -25.15
CA THR A 232 28.47 -24.25 -24.31
C THR A 232 29.60 -25.00 -25.00
N LEU A 233 29.73 -24.88 -26.32
CA LEU A 233 30.63 -25.69 -27.12
C LEU A 233 31.57 -24.78 -27.89
N GLY A 234 32.83 -25.17 -28.00
CA GLY A 234 33.79 -24.38 -28.75
C GLY A 234 34.32 -23.18 -28.03
N LYS A 235 34.05 -23.06 -26.73
CA LYS A 235 34.67 -22.06 -25.87
C LYS A 235 35.04 -22.75 -24.57
N SER A 236 36.18 -22.38 -24.02
CA SER A 236 36.57 -22.90 -22.73
C SER A 236 35.58 -22.43 -21.66
N GLU A 237 35.46 -23.24 -20.61
CA GLU A 237 34.61 -22.86 -19.49
C GLU A 237 35.03 -21.53 -18.92
N GLU A 238 36.34 -21.31 -18.81
CA GLU A 238 36.82 -20.04 -18.26
C GLU A 238 36.40 -18.87 -19.13
N ASP A 239 36.49 -19.03 -20.46
CA ASP A 239 36.09 -17.95 -21.36
C ASP A 239 34.58 -17.75 -21.37
N ILE A 240 33.81 -18.84 -21.31
CA ILE A 240 32.35 -18.71 -21.20
C ILE A 240 32.00 -17.90 -19.97
N VAL A 241 32.60 -18.23 -18.84
CA VAL A 241 32.26 -17.55 -17.61
C VAL A 241 32.81 -16.13 -17.62
N ALA A 242 34.04 -15.96 -18.10
CA ALA A 242 34.62 -14.61 -18.21
C ALA A 242 33.76 -13.73 -19.09
N ASP A 243 33.27 -14.26 -20.21
CA ASP A 243 32.44 -13.45 -21.10
C ASP A 243 31.12 -13.07 -20.44
N LEU A 244 30.49 -14.02 -19.75
CA LEU A 244 29.30 -13.71 -18.98
C LEU A 244 29.59 -12.67 -17.92
N HIS A 245 30.68 -12.84 -17.17
CA HIS A 245 31.05 -11.88 -16.15
C HIS A 245 31.16 -10.48 -16.74
N THR A 246 31.87 -10.37 -17.86
CA THR A 246 32.02 -9.08 -18.52
C THR A 246 30.67 -8.45 -18.83
N ILE A 247 29.74 -9.23 -19.37
CA ILE A 247 28.45 -8.67 -19.72
C ILE A 247 27.63 -8.40 -18.45
N VAL A 248 27.77 -9.23 -17.42
CA VAL A 248 27.12 -8.92 -16.15
C VAL A 248 27.62 -7.59 -15.58
N GLU A 249 28.95 -7.38 -15.59
CA GLU A 249 29.50 -6.10 -15.13
CA GLU A 249 29.46 -6.11 -15.11
C GLU A 249 28.92 -4.94 -15.93
N GLN A 250 28.79 -5.12 -17.24
CA GLN A 250 28.16 -4.08 -18.05
C GLN A 250 26.71 -3.88 -17.65
N LEU A 251 26.01 -4.99 -17.39
CA LEU A 251 24.62 -4.90 -16.95
C LEU A 251 24.51 -4.18 -15.62
N ILE A 252 25.41 -4.50 -14.68
CA ILE A 252 25.40 -3.81 -13.39
C ILE A 252 25.60 -2.33 -13.62
N ALA A 253 26.58 -1.97 -14.44
CA ALA A 253 26.83 -0.58 -14.77
C ALA A 253 25.60 0.08 -15.37
N GLN A 254 24.93 -0.61 -16.31
CA GLN A 254 23.73 -0.06 -16.91
C GLN A 254 22.61 0.09 -15.89
N GLU A 255 22.44 -0.92 -15.03
CA GLU A 255 21.41 -0.83 -13.99
C GLU A 255 21.69 0.30 -13.02
N ARG A 256 22.95 0.46 -12.58
CA ARG A 256 23.27 1.54 -11.68
C ARG A 256 23.05 2.88 -12.35
N ALA A 257 23.47 3.01 -13.61
CA ALA A 257 23.22 4.26 -14.34
C ALA A 257 21.72 4.49 -14.51
N ALA A 258 20.96 3.44 -14.85
CA ALA A 258 19.53 3.60 -14.96
C ALA A 258 18.92 4.05 -13.64
N ARG A 259 19.47 3.59 -12.52
CA ARG A 259 18.97 4.04 -11.22
C ARG A 259 19.25 5.51 -11.01
N GLN A 260 20.47 5.95 -11.32
CA GLN A 260 20.80 7.36 -11.19
C GLN A 260 19.93 8.20 -12.12
N ALA A 261 19.67 7.70 -13.33
CA ALA A 261 18.78 8.42 -14.25
C ALA A 261 17.37 8.53 -13.67
N LEU A 262 16.88 7.44 -13.08
CA LEU A 262 15.55 7.46 -12.48
C LEU A 262 15.50 8.39 -11.29
N VAL A 263 16.55 8.40 -10.46
CA VAL A 263 16.56 9.28 -9.32
C VAL A 263 16.53 10.73 -9.78
N LYS A 264 17.26 11.05 -10.86
CA LYS A 264 17.30 12.42 -11.35
C LYS A 264 16.00 12.81 -12.06
N THR A 265 15.40 11.90 -12.82
CA THR A 265 14.22 12.29 -13.59
C THR A 265 12.91 12.12 -12.82
N LEU A 266 12.83 11.19 -11.88
CA LEU A 266 11.60 10.99 -11.14
C LEU A 266 11.64 11.54 -9.74
N GLY A 267 12.81 11.53 -9.12
CA GLY A 267 13.01 12.06 -7.79
C GLY A 267 12.03 11.47 -6.80
N ILE A 268 11.18 12.35 -6.25
CA ILE A 268 10.25 11.93 -5.22
C ILE A 268 9.22 10.94 -5.74
N GLN A 269 8.95 10.93 -7.05
CA GLN A 269 7.99 9.97 -7.56
C GLN A 269 8.56 8.55 -7.46
N LEU A 270 9.87 8.43 -7.61
CA LEU A 270 10.50 7.14 -7.38
C LEU A 270 10.42 6.74 -5.91
N GLU A 271 10.72 7.68 -5.01
CA GLU A 271 10.58 7.40 -3.59
C GLU A 271 9.14 7.01 -3.28
N ASP A 272 8.18 7.73 -3.89
CA ASP A 272 6.78 7.37 -3.73
C ASP A 272 6.52 5.95 -4.24
N LYS A 273 7.05 5.62 -5.42
CA LYS A 273 6.84 4.28 -5.97
C LYS A 273 7.27 3.21 -4.98
N VAL A 274 8.49 3.33 -4.44
CA VAL A 274 8.99 2.26 -3.59
C VAL A 274 8.27 2.27 -2.25
N PHE A 275 7.95 3.44 -1.73
CA PHE A 275 7.27 3.45 -0.45
C PHE A 275 5.86 2.91 -0.55
N ARG A 276 5.19 3.14 -1.69
CA ARG A 276 3.85 2.58 -1.83
C ARG A 276 3.90 1.07 -1.86
N SER A 277 4.89 0.52 -2.54
CA SER A 277 5.08 -0.93 -2.53
C SER A 277 5.39 -1.40 -1.13
N TYR A 278 6.24 -0.67 -0.41
CA TYR A 278 6.47 -0.99 1.00
C TYR A 278 5.17 -0.93 1.79
N GLY A 279 4.39 0.14 1.58
CA GLY A 279 3.11 0.27 2.26
C GLY A 279 2.17 -0.88 1.99
N ILE A 280 2.16 -1.39 0.75
CA ILE A 280 1.37 -2.58 0.46
C ILE A 280 1.90 -3.77 1.26
N LEU A 281 3.21 -4.00 1.20
CA LEU A 281 3.76 -5.19 1.84
C LEU A 281 3.57 -5.14 3.34
N ALA A 282 3.74 -3.96 3.93
CA ALA A 282 3.63 -3.84 5.37
C ALA A 282 2.19 -4.02 5.83
N ASN A 283 1.22 -3.79 4.96
CA ASN A 283 -0.16 -3.71 5.44
C ASN A 283 -1.16 -4.57 4.71
N CYS A 284 -0.84 -5.12 3.54
CA CYS A 284 -1.87 -5.82 2.79
C CYS A 284 -2.29 -7.07 3.55
N ARG A 285 -3.53 -7.48 3.32
CA ARG A 285 -4.03 -8.70 3.92
C ARG A 285 -4.14 -9.82 2.88
N VAL A 286 -4.00 -9.51 1.61
CA VAL A 286 -4.13 -10.50 0.53
C VAL A 286 -3.09 -10.13 -0.51
N ILE A 287 -2.19 -11.05 -0.83
CA ILE A 287 -1.23 -10.71 -1.87
C ILE A 287 -0.74 -12.00 -2.50
N ASP A 288 -0.77 -12.03 -3.83
CA ASP A 288 -0.27 -13.20 -4.52
C ASP A 288 1.24 -13.10 -4.68
N SER A 289 1.87 -14.20 -5.07
CA SER A 289 3.33 -14.16 -5.13
C SER A 289 3.82 -13.18 -6.18
N LYS A 290 3.08 -13.01 -7.28
CA LYS A 290 3.55 -12.10 -8.33
C LYS A 290 3.53 -10.65 -7.85
N GLU A 291 2.43 -10.21 -7.25
CA GLU A 291 2.44 -8.86 -6.71
C GLU A 291 3.48 -8.71 -5.61
N ALA A 292 3.59 -9.72 -4.74
CA ALA A 292 4.58 -9.66 -3.67
C ALA A 292 5.97 -9.45 -4.26
N ALA A 293 6.31 -10.21 -5.31
CA ALA A 293 7.62 -10.06 -5.94
C ALA A 293 7.79 -8.66 -6.52
N GLN A 294 6.77 -8.11 -7.18
CA GLN A 294 6.90 -6.77 -7.72
C GLN A 294 7.13 -5.76 -6.62
N CYS A 295 6.37 -5.87 -5.51
CA CYS A 295 6.56 -4.93 -4.42
C CYS A 295 7.90 -5.15 -3.75
N LEU A 296 8.31 -6.41 -3.57
CA LEU A 296 9.61 -6.67 -2.99
C LEU A 296 10.72 -6.08 -3.84
N SER A 297 10.57 -6.15 -5.16
CA SER A 297 11.51 -5.52 -6.08
C SER A 297 11.58 -4.02 -5.83
N ASP A 298 10.43 -3.38 -5.73
CA ASP A 298 10.37 -1.96 -5.43
C ASP A 298 11.05 -1.66 -4.10
N VAL A 299 10.75 -2.45 -3.09
CA VAL A 299 11.34 -2.20 -1.78
C VAL A 299 12.83 -2.42 -1.81
N ARG A 300 13.29 -3.48 -2.49
CA ARG A 300 14.73 -3.67 -2.64
C ARG A 300 15.36 -2.49 -3.33
N LEU A 301 14.76 -2.02 -4.42
CA LEU A 301 15.26 -0.81 -5.06
C LEU A 301 15.24 0.36 -4.08
N GLY A 302 14.16 0.48 -3.31
CA GLY A 302 14.08 1.55 -2.32
C GLY A 302 15.16 1.46 -1.26
N ILE A 303 15.52 0.24 -0.84
CA ILE A 303 16.59 0.18 0.15
C ILE A 303 17.92 0.43 -0.51
N ASP A 304 18.08 -0.02 -1.77
CA ASP A 304 19.31 0.25 -2.53
C ASP A 304 19.55 1.74 -2.69
N LEU A 305 18.49 2.50 -2.98
CA LEU A 305 18.64 3.93 -3.22
C LEU A 305 18.61 4.72 -1.93
N GLY A 306 18.45 4.05 -0.80
CA GLY A 306 18.44 4.72 0.48
C GLY A 306 17.15 5.40 0.80
N TYR A 307 16.07 5.10 0.08
CA TYR A 307 14.77 5.66 0.45
C TYR A 307 14.19 4.97 1.67
N ILE A 308 14.30 3.66 1.73
CA ILE A 308 13.63 2.86 2.74
C ILE A 308 14.67 2.42 3.74
N LYS A 309 14.44 2.75 5.01
CA LYS A 309 15.30 2.32 6.09
C LYS A 309 14.71 1.12 6.81
N ASN A 310 15.55 0.46 7.59
CA ASN A 310 15.16 -0.57 8.54
C ASN A 310 14.60 -1.81 7.86
N VAL A 311 14.89 -1.97 6.58
CA VAL A 311 14.59 -3.20 5.84
C VAL A 311 15.91 -3.69 5.27
N SER A 312 16.33 -4.86 5.74
CA SER A 312 17.59 -5.43 5.29
C SER A 312 17.41 -6.12 3.95
N ARG A 313 18.49 -6.19 3.17
CA ARG A 313 18.50 -7.11 2.04
C ARG A 313 18.20 -8.53 2.50
N ASN A 314 18.68 -8.89 3.69
CA ASN A 314 18.47 -10.24 4.22
CA ASN A 314 18.47 -10.23 4.23
C ASN A 314 16.98 -10.56 4.29
N ILE A 315 16.17 -9.65 4.83
CA ILE A 315 14.74 -9.94 4.95
C ILE A 315 14.09 -9.96 3.58
N LEU A 316 14.59 -9.12 2.66
CA LEU A 316 14.03 -9.13 1.31
C LEU A 316 14.37 -10.43 0.60
N ASN A 317 15.60 -10.90 0.74
CA ASN A 317 15.98 -12.21 0.22
C ASN A 317 15.09 -13.30 0.79
N GLU A 318 14.91 -13.29 2.11
CA GLU A 318 14.09 -14.33 2.72
CA GLU A 318 14.08 -14.31 2.75
C GLU A 318 12.66 -14.25 2.22
N LEU A 319 12.10 -13.03 2.17
CA LEU A 319 10.73 -12.87 1.71
C LEU A 319 10.56 -13.28 0.26
N MET A 320 11.55 -13.01 -0.60
CA MET A 320 11.42 -13.46 -1.98
C MET A 320 11.21 -14.96 -2.03
N ILE A 321 11.80 -15.69 -1.10
CA ILE A 321 11.65 -17.15 -1.09
C ILE A 321 10.42 -17.55 -0.31
N LEU A 322 10.28 -17.02 0.90
CA LEU A 322 9.15 -17.38 1.76
C LEU A 322 7.83 -17.11 1.08
N THR A 323 7.76 -16.10 0.20
CA THR A 323 6.47 -15.80 -0.41
C THR A 323 6.16 -16.69 -1.59
N GLN A 324 7.09 -17.54 -2.01
CA GLN A 324 6.78 -18.45 -3.09
C GLN A 324 5.79 -19.51 -2.63
N PRO A 325 4.92 -19.98 -3.53
CA PRO A 325 3.82 -20.87 -3.11
C PRO A 325 4.29 -22.13 -2.40
N GLY A 326 5.32 -22.80 -2.91
CA GLY A 326 5.78 -24.01 -2.24
C GLY A 326 6.28 -23.72 -0.85
N PHE A 327 7.18 -22.74 -0.73
CA PHE A 327 7.75 -22.45 0.57
C PHE A 327 6.71 -21.97 1.55
N LEU A 328 5.73 -21.23 1.06
CA LEU A 328 4.63 -20.80 1.90
C LEU A 328 3.89 -22.01 2.46
N GLN A 329 3.57 -22.97 1.59
CA GLN A 329 2.88 -24.16 2.07
C GLN A 329 3.77 -24.98 2.97
N GLN A 330 5.07 -25.06 2.65
CA GLN A 330 5.99 -25.72 3.56
C GLN A 330 5.95 -25.06 4.94
N TYR A 331 6.08 -23.74 4.95
CA TYR A 331 6.10 -22.97 6.18
C TYR A 331 4.76 -23.09 6.92
N ALA A 332 3.66 -23.11 6.16
CA ALA A 332 2.34 -23.22 6.76
C ALA A 332 2.16 -24.55 7.47
N GLY A 333 2.67 -25.63 6.90
CA GLY A 333 2.48 -26.97 7.43
C GLY A 333 1.70 -27.89 6.53
N GLY A 334 1.18 -27.38 5.42
CA GLY A 334 0.49 -28.25 4.48
C GLY A 334 0.03 -27.46 3.28
N VAL A 335 -0.79 -28.12 2.47
CA VAL A 335 -1.20 -27.58 1.20
C VAL A 335 -2.14 -26.38 1.40
N LEU A 336 -2.01 -25.39 0.52
CA LEU A 336 -2.77 -24.14 0.59
C LEU A 336 -3.29 -23.82 -0.79
N ARG A 337 -4.61 -23.65 -0.91
CA ARG A 337 -5.19 -23.15 -2.13
C ARG A 337 -4.70 -21.72 -2.39
N PRO A 338 -4.79 -21.24 -3.63
CA PRO A 338 -4.26 -19.91 -3.96
C PRO A 338 -4.76 -18.80 -3.06
N GLU A 339 -6.05 -18.80 -2.74
CA GLU A 339 -6.57 -17.71 -1.92
C GLU A 339 -6.08 -17.83 -0.48
N GLU A 340 -5.89 -19.05 0.01
CA GLU A 340 -5.29 -19.23 1.33
C GLU A 340 -3.83 -18.77 1.33
N ARG A 341 -3.11 -19.10 0.27
CA ARG A 341 -1.73 -18.67 0.13
C ARG A 341 -1.65 -17.15 0.20
N ASP A 342 -2.53 -16.48 -0.53
CA ASP A 342 -2.44 -15.02 -0.59
C ASP A 342 -2.68 -14.39 0.76
N VAL A 343 -3.54 -15.00 1.58
CA VAL A 343 -3.75 -14.46 2.92
C VAL A 343 -2.57 -14.78 3.82
N ARG A 344 -2.08 -16.03 3.77
CA ARG A 344 -0.94 -16.35 4.61
C ARG A 344 0.30 -15.58 4.17
N ARG A 345 0.46 -15.39 2.86
CA ARG A 345 1.61 -14.65 2.35
C ARG A 345 1.60 -13.22 2.87
N ALA A 346 0.47 -12.54 2.72
CA ALA A 346 0.38 -11.18 3.26
C ALA A 346 0.72 -11.16 4.74
N ALA A 347 0.19 -12.10 5.51
CA ALA A 347 0.46 -12.08 6.94
C ALA A 347 1.92 -12.38 7.25
N LEU A 348 2.52 -13.29 6.50
CA LEU A 348 3.95 -13.55 6.69
C LEU A 348 4.76 -12.31 6.39
N ILE A 349 4.48 -11.65 5.27
CA ILE A 349 5.22 -10.45 4.90
C ILE A 349 5.05 -9.37 5.96
N ARG A 350 3.79 -9.09 6.35
CA ARG A 350 3.51 -8.09 7.35
C ARG A 350 4.30 -8.35 8.64
N GLU A 351 4.28 -9.59 9.12
CA GLU A 351 4.99 -9.86 10.38
C GLU A 351 6.49 -9.75 10.20
N ARG A 352 7.03 -10.23 9.08
CA ARG A 352 8.46 -10.09 8.86
C ARG A 352 8.86 -8.62 8.74
N LEU A 353 8.07 -7.83 8.02
CA LEU A 353 8.38 -6.41 7.90
C LEU A 353 8.18 -5.69 9.22
N ARG A 354 7.18 -6.10 10.02
CA ARG A 354 6.97 -5.43 11.30
C ARG A 354 8.07 -5.79 12.29
N MET A 355 8.47 -7.07 12.34
CA MET A 355 9.61 -7.40 13.19
CA MET A 355 9.62 -7.46 13.14
C MET A 355 10.91 -6.80 12.64
N GLU A 356 10.97 -6.53 11.34
CA GLU A 356 12.12 -5.85 10.75
C GLU A 356 12.19 -4.40 11.23
N THR A 357 11.05 -3.77 11.52
CA THR A 357 11.01 -2.42 12.04
C THR A 357 10.68 -2.34 13.52
N ARG A 358 10.13 -3.42 14.10
CA ARG A 358 9.91 -3.54 15.55
C ARG A 358 9.17 -2.34 16.15
N LYS B 8 -7.73 26.64 22.32
CA LYS B 8 -7.34 27.11 21.00
C LYS B 8 -8.30 26.58 19.93
N PHE B 9 -9.00 27.50 19.27
CA PHE B 9 -10.05 27.17 18.32
C PHE B 9 -9.53 26.83 16.94
N PHE B 10 -8.26 27.09 16.66
CA PHE B 10 -7.73 26.93 15.31
C PHE B 10 -6.95 25.64 15.18
N ASN B 11 -7.24 24.68 16.03
CA ASN B 11 -6.74 23.31 15.93
C ASN B 11 -7.63 22.56 14.94
N THR B 12 -7.08 22.26 13.76
CA THR B 12 -7.85 21.56 12.74
C THR B 12 -8.27 20.16 13.16
N ALA B 13 -7.66 19.61 14.22
CA ALA B 13 -8.07 18.30 14.73
C ALA B 13 -9.51 18.33 15.22
N VAL B 14 -10.12 17.15 15.24
CA VAL B 14 -11.48 17.04 15.75
C VAL B 14 -11.47 17.37 17.23
N SER B 15 -12.34 18.30 17.63
CA SER B 15 -12.41 18.71 19.01
C SER B 15 -12.84 17.54 19.90
N ALA B 16 -12.51 17.64 21.19
CA ALA B 16 -13.00 16.65 22.13
C ALA B 16 -14.52 16.53 22.04
N TRP B 17 -15.19 17.65 21.81
CA TRP B 17 -16.65 17.65 21.69
C TRP B 17 -17.11 16.90 20.46
N MET B 18 -16.45 17.10 19.33
CA MET B 18 -16.84 16.48 18.07
C MET B 18 -16.28 15.08 17.90
N SER B 19 -15.34 14.66 18.75
CA SER B 19 -14.88 13.29 18.73
C SER B 19 -15.69 12.38 19.64
N GLN B 20 -16.60 12.96 20.45
CA GLN B 20 -17.51 12.16 21.25
C GLN B 20 -18.38 11.30 20.35
N GLU B 21 -18.78 10.14 20.86
CA GLU B 21 -19.51 9.19 20.03
C GLU B 21 -21.00 9.43 20.23
N GLY B 22 -21.56 10.29 19.37
CA GLY B 22 -22.99 10.44 19.33
C GLY B 22 -23.62 9.26 18.62
N PRO B 23 -24.96 9.24 18.59
CA PRO B 23 -25.67 8.18 17.87
C PRO B 23 -25.19 8.06 16.42
N ASN B 24 -24.87 6.84 16.02
CA ASN B 24 -24.50 6.55 14.63
C ASN B 24 -23.36 7.47 14.17
N SER B 25 -22.45 7.79 15.09
CA SER B 25 -21.37 8.71 14.78
C SER B 25 -20.25 8.08 13.96
N ASP B 26 -20.28 6.77 13.74
CA ASP B 26 -19.38 6.23 12.72
C ASP B 26 -19.77 6.73 11.34
N ILE B 27 -21.07 6.76 11.03
CA ILE B 27 -21.50 7.14 9.69
C ILE B 27 -21.87 8.60 9.62
N VAL B 28 -22.61 9.07 10.62
CA VAL B 28 -22.95 10.49 10.73
C VAL B 28 -21.81 11.20 11.44
N LEU B 29 -21.01 11.95 10.68
CA LEU B 29 -19.92 12.70 11.28
C LEU B 29 -20.46 13.75 12.25
N SER B 30 -21.51 14.45 11.84
CA SER B 30 -21.94 15.57 12.64
C SER B 30 -23.36 15.97 12.26
N SER B 31 -24.02 16.63 13.19
CA SER B 31 -25.34 17.19 13.01
C SER B 31 -25.18 18.66 13.25
N ARG B 32 -25.77 19.47 12.39
CA ARG B 32 -25.56 20.90 12.47
C ARG B 32 -26.92 21.58 12.40
N ILE B 33 -27.15 22.50 13.31
CA ILE B 33 -28.38 23.31 13.30
C ILE B 33 -27.89 24.73 13.20
N ARG B 34 -28.44 25.46 12.24
CA ARG B 34 -28.15 26.88 12.10
C ARG B 34 -29.46 27.65 12.15
N LEU B 35 -29.52 28.66 13.00
CA LEU B 35 -30.67 29.54 13.09
C LEU B 35 -30.21 30.92 12.69
N ALA B 36 -30.78 31.45 11.62
CA ALA B 36 -30.46 32.77 11.11
C ALA B 36 -31.45 33.78 11.69
N ARG B 37 -30.92 34.88 12.21
CA ARG B 37 -31.74 35.92 12.82
C ARG B 37 -31.23 37.28 12.40
N ASN B 38 -32.16 38.19 12.18
CA ASN B 38 -31.83 39.60 12.09
C ASN B 38 -32.51 40.32 13.23
N ILE B 39 -31.90 41.40 13.67
CA ILE B 39 -32.36 42.20 14.78
C ILE B 39 -32.93 43.51 14.24
N VAL B 40 -34.05 43.94 14.83
CA VAL B 40 -34.62 45.25 14.58
C VAL B 40 -34.57 46.04 15.89
N ASP B 41 -35.13 47.24 15.87
CA ASP B 41 -35.33 48.08 17.06
C ASP B 41 -34.10 48.03 17.97
N PHE B 42 -32.98 48.48 17.40
CA PHE B 42 -31.72 48.44 18.12
C PHE B 42 -31.77 49.37 19.34
N ARG B 43 -30.90 49.05 20.31
CA ARG B 43 -30.82 49.85 21.53
C ARG B 43 -30.48 51.30 21.20
N PHE B 44 -29.61 51.52 20.21
CA PHE B 44 -29.45 52.82 19.58
C PHE B 44 -30.05 52.74 18.18
N PRO B 45 -31.22 53.36 17.93
CA PRO B 45 -31.92 53.16 16.64
C PRO B 45 -31.19 53.74 15.44
N THR B 46 -29.98 53.26 15.18
CA THR B 46 -29.12 53.87 14.18
C THR B 46 -29.56 53.49 12.76
N LEU B 47 -29.32 54.43 11.84
CA LEU B 47 -29.51 54.30 10.41
C LEU B 47 -28.31 53.68 9.70
N PHE B 48 -27.25 53.33 10.43
CA PHE B 48 -26.01 52.86 9.82
C PHE B 48 -25.74 51.42 10.20
N SER B 49 -25.53 50.59 9.18
CA SER B 49 -25.22 49.17 9.40
C SER B 49 -23.95 49.00 10.21
N SER B 50 -22.91 49.77 9.90
CA SER B 50 -21.72 49.87 10.74
C SER B 50 -22.06 49.91 12.22
N GLU B 51 -22.95 50.83 12.59
CA GLU B 51 -23.27 51.02 14.00
C GLU B 51 -24.10 49.85 14.54
N GLU B 52 -25.03 49.33 13.75
CA GLU B 52 -25.77 48.13 14.16
C GLU B 52 -24.81 46.99 14.41
N ALA B 53 -23.89 46.77 13.46
CA ALA B 53 -22.93 45.68 13.58
C ALA B 53 -22.09 45.82 14.83
N LYS B 54 -21.70 47.05 15.18
CA LYS B 54 -20.88 47.25 16.38
C LYS B 54 -21.70 47.06 17.65
N GLN B 55 -22.96 47.51 17.65
CA GLN B 55 -23.81 47.24 18.81
C GLN B 55 -23.99 45.76 19.01
N ILE B 56 -24.17 45.02 17.92
CA ILE B 56 -24.37 43.58 18.03
C ILE B 56 -23.12 42.93 18.60
N VAL B 57 -21.94 43.34 18.12
CA VAL B 57 -20.70 42.82 18.70
C VAL B 57 -20.61 43.19 20.17
N ALA B 58 -20.90 44.46 20.49
CA ALA B 58 -20.90 44.89 21.88
C ALA B 58 -21.84 44.04 22.73
N LEU B 59 -23.04 43.76 22.22
CA LEU B 59 -23.98 42.86 22.90
C LEU B 59 -23.29 41.56 23.31
N PHE B 60 -22.67 40.88 22.36
CA PHE B 60 -22.14 39.55 22.65
C PHE B 60 -20.86 39.61 23.48
N GLU B 61 -20.03 40.63 23.26
CA GLU B 61 -18.87 40.83 24.11
C GLU B 61 -19.30 41.15 25.54
N ARG B 62 -20.36 41.96 25.71
CA ARG B 62 -20.85 42.30 27.04
C ARG B 62 -21.56 41.12 27.69
N ALA B 63 -22.24 40.31 26.90
CA ALA B 63 -23.17 39.31 27.41
C ALA B 63 -22.61 37.91 27.42
N PHE B 64 -21.36 37.71 26.99
CA PHE B 64 -20.73 36.39 27.06
C PHE B 64 -19.29 36.45 27.54
N VAL B 65 -18.82 37.60 28.01
CA VAL B 65 -17.44 37.78 28.48
C VAL B 65 -16.45 37.34 27.40
N GLY B 73 -21.12 28.53 31.35
CA GLY B 73 -20.47 28.27 30.07
C GLY B 73 -19.50 29.34 29.60
N ARG B 74 -18.44 28.91 28.94
CA ARG B 74 -17.34 29.78 28.50
C ARG B 74 -17.43 29.99 26.99
N PHE B 75 -17.52 31.25 26.57
CA PHE B 75 -17.46 31.63 25.16
C PHE B 75 -16.33 32.62 24.93
N GLU B 76 -15.68 32.50 23.77
CA GLU B 76 -14.81 33.54 23.27
C GLU B 76 -15.45 34.20 22.06
N LEU B 77 -15.42 35.52 22.02
CA LEU B 77 -15.85 36.25 20.83
C LEU B 77 -14.62 36.45 19.96
N LEU B 78 -14.59 35.79 18.82
CA LEU B 78 -13.52 35.94 17.86
C LEU B 78 -13.98 36.93 16.80
N LYS B 79 -13.30 38.06 16.68
CA LYS B 79 -13.63 39.05 15.66
C LYS B 79 -12.79 38.76 14.43
N MET B 80 -13.44 38.77 13.26
CA MET B 80 -12.74 38.39 12.04
C MET B 80 -11.59 39.34 11.75
N SER B 81 -11.76 40.62 12.08
CA SER B 81 -10.70 41.60 11.90
C SER B 81 -9.47 41.29 12.75
N GLU B 82 -9.60 40.42 13.75
CA GLU B 82 -8.51 40.13 14.68
C GLU B 82 -7.86 38.78 14.43
N LEU B 83 -8.27 38.08 13.37
CA LEU B 83 -7.72 36.77 13.06
C LEU B 83 -6.86 36.86 11.80
N GLN B 84 -5.73 36.14 11.82
CA GLN B 84 -4.97 35.94 10.60
C GLN B 84 -5.84 35.15 9.61
N PRO B 85 -5.56 35.27 8.30
CA PRO B 85 -6.41 34.57 7.32
C PRO B 85 -6.41 33.06 7.46
N ILE B 86 -5.32 32.46 7.96
CA ILE B 86 -5.33 31.00 8.14
C ILE B 86 -6.21 30.62 9.32
N GLU B 87 -6.26 31.45 10.36
CA GLU B 87 -7.15 31.19 11.47
C GLU B 87 -8.60 31.22 11.02
N LYS B 88 -8.94 32.19 10.17
CA LYS B 88 -10.29 32.29 9.64
C LYS B 88 -10.60 31.11 8.71
N ARG B 89 -9.62 30.71 7.90
CA ARG B 89 -9.83 29.55 7.03
C ARG B 89 -10.09 28.29 7.84
N VAL B 90 -9.36 28.11 8.96
CA VAL B 90 -9.61 26.93 9.78
C VAL B 90 -11.03 26.97 10.34
N LEU B 91 -11.48 28.15 10.80
CA LEU B 91 -12.84 28.24 11.30
C LEU B 91 -13.83 27.91 10.20
N VAL B 92 -13.54 28.34 8.97
CA VAL B 92 -14.38 28.03 7.82
C VAL B 92 -14.39 26.53 7.60
N GLU B 93 -13.22 25.90 7.66
CA GLU B 93 -13.15 24.48 7.33
C GLU B 93 -13.77 23.64 8.44
N LYS B 94 -13.75 24.15 9.67
CA LYS B 94 -14.46 23.55 10.79
C LYS B 94 -15.95 23.84 10.77
N HIS B 95 -16.43 24.55 9.75
CA HIS B 95 -17.83 24.94 9.61
C HIS B 95 -18.30 25.75 10.81
N LEU B 96 -17.36 26.43 11.48
CA LEU B 96 -17.67 27.32 12.58
C LEU B 96 -18.07 28.70 12.10
N ILE B 97 -17.57 29.12 10.94
CA ILE B 97 -17.95 30.38 10.33
C ILE B 97 -18.15 30.11 8.84
N SER B 98 -18.85 31.01 8.20
CA SER B 98 -19.03 30.95 6.77
C SER B 98 -17.85 31.63 6.08
N PRO B 99 -17.57 31.24 4.83
CA PRO B 99 -16.60 32.01 4.03
C PRO B 99 -16.90 33.51 4.02
N HIS B 100 -18.19 33.87 3.99
CA HIS B 100 -18.60 35.26 3.98
C HIS B 100 -18.20 35.97 5.27
N LEU B 101 -18.30 35.29 6.41
CA LEU B 101 -17.86 35.90 7.66
C LEU B 101 -16.37 36.16 7.65
N ALA B 102 -15.58 35.21 7.13
CA ALA B 102 -14.13 35.37 7.13
C ALA B 102 -13.71 36.57 6.28
N GLU B 103 -14.29 36.70 5.08
CA GLU B 103 -13.83 37.65 4.07
C GLU B 103 -14.64 38.95 4.00
N ASP B 104 -15.97 38.85 3.99
CA ASP B 104 -16.83 39.91 3.49
C ASP B 104 -17.64 40.62 4.56
N SER B 105 -17.32 40.41 5.84
CA SER B 105 -18.13 40.93 6.94
C SER B 105 -17.27 41.84 7.80
N PRO B 106 -17.29 43.15 7.54
CA PRO B 106 -16.34 44.05 8.22
C PRO B 106 -16.39 43.99 9.74
N PHE B 107 -17.55 43.71 10.31
CA PHE B 107 -17.67 43.50 11.74
C PHE B 107 -18.02 42.05 12.07
N GLY B 108 -17.72 41.15 11.15
CA GLY B 108 -17.91 39.73 11.39
C GLY B 108 -17.25 39.26 12.67
N ALA B 109 -17.97 38.45 13.42
CA ALA B 109 -17.41 37.90 14.63
C ALA B 109 -18.08 36.56 14.89
N CYS B 110 -17.40 35.73 15.66
CA CYS B 110 -17.87 34.40 15.98
C CYS B 110 -17.80 34.23 17.48
N LEU B 111 -18.95 34.06 18.12
CA LEU B 111 -18.99 33.65 19.50
C LEU B 111 -18.85 32.14 19.52
N LEU B 112 -17.69 31.67 19.93
CA LEU B 112 -17.39 30.24 19.95
C LEU B 112 -17.42 29.73 21.37
N SER B 113 -18.18 28.67 21.60
CA SER B 113 -18.06 27.97 22.87
C SER B 113 -16.68 27.31 22.95
N GLU B 114 -16.20 27.11 24.18
CA GLU B 114 -14.86 26.57 24.32
C GLU B 114 -14.73 25.20 23.69
N ASN B 115 -15.80 24.40 23.70
CA ASN B 115 -15.77 23.09 23.07
C ASN B 115 -16.16 23.15 21.60
N GLU B 116 -16.40 24.33 21.05
CA GLU B 116 -16.75 24.58 19.66
C GLU B 116 -18.05 23.92 19.24
N GLU B 117 -18.83 23.43 20.20
CA GLU B 117 -20.19 22.98 19.93
C GLU B 117 -21.05 24.13 19.45
N ILE B 118 -20.90 25.30 20.09
CA ILE B 118 -21.75 26.45 19.87
C ILE B 118 -20.95 27.49 19.13
N SER B 119 -21.49 27.96 18.00
CA SER B 119 -20.89 29.04 17.24
C SER B 119 -22.01 30.02 16.94
N ILE B 120 -21.85 31.27 17.34
CA ILE B 120 -22.81 32.28 16.94
C ILE B 120 -22.07 33.25 16.05
N MET B 121 -22.37 33.19 14.76
CA MET B 121 -21.79 34.14 13.83
C MET B 121 -22.52 35.45 13.94
N ILE B 122 -21.76 36.53 14.04
CA ILE B 122 -22.28 37.89 14.21
C ILE B 122 -21.94 38.67 12.95
N ASN B 123 -22.94 39.36 12.40
CA ASN B 123 -22.69 40.33 11.32
C ASN B 123 -22.19 39.66 10.05
N GLU B 124 -22.91 38.63 9.60
CA GLU B 124 -22.69 38.08 8.28
C GLU B 124 -23.81 38.53 7.37
N GLU B 125 -24.32 37.63 6.52
CA GLU B 125 -25.55 37.87 5.77
C GLU B 125 -26.64 38.38 6.70
N ASP B 126 -26.89 37.63 7.76
CA ASP B 126 -27.80 38.00 8.82
C ASP B 126 -27.02 38.47 10.03
N HIS B 127 -27.68 39.28 10.85
CA HIS B 127 -27.04 39.73 12.09
C HIS B 127 -26.53 38.57 12.90
N ILE B 128 -27.31 37.49 12.95
CA ILE B 128 -27.13 36.40 13.89
C ILE B 128 -27.26 35.09 13.12
N ARG B 129 -26.27 34.22 13.23
CA ARG B 129 -26.46 32.83 12.86
C ARG B 129 -26.02 31.97 14.03
N ILE B 130 -26.99 31.39 14.72
CA ILE B 130 -26.70 30.51 15.84
C ILE B 130 -26.42 29.15 15.24
N GLN B 131 -25.26 28.60 15.55
CA GLN B 131 -24.93 27.27 15.10
C GLN B 131 -24.66 26.36 16.28
N CYS B 132 -25.25 25.19 16.22
CA CYS B 132 -24.90 24.10 17.10
CA CYS B 132 -24.93 24.09 17.10
C CYS B 132 -24.46 22.94 16.24
N LEU B 133 -23.27 22.43 16.52
CA LEU B 133 -22.66 21.31 15.82
C LEU B 133 -22.50 20.16 16.80
N PHE B 134 -23.15 19.04 16.52
CA PHE B 134 -22.98 17.89 17.40
C PHE B 134 -22.35 16.75 16.61
N PRO B 135 -21.55 15.92 17.25
CA PRO B 135 -21.07 14.71 16.57
C PRO B 135 -22.20 13.69 16.47
N GLY B 136 -22.13 12.88 15.42
CA GLY B 136 -23.17 11.89 15.24
C GLY B 136 -24.49 12.53 14.86
N LEU B 137 -25.52 11.71 14.93
CA LEU B 137 -26.87 12.15 14.56
C LEU B 137 -27.52 12.65 15.84
N GLN B 138 -27.45 13.96 16.05
CA GLN B 138 -28.05 14.60 17.22
C GLN B 138 -28.67 15.91 16.79
N LEU B 139 -29.53 15.85 15.77
CA LEU B 139 -30.20 17.05 15.31
C LEU B 139 -31.13 17.61 16.37
N ALA B 140 -31.89 16.75 17.04
CA ALA B 140 -32.81 17.24 18.06
C ALA B 140 -32.03 17.92 19.17
N GLU B 141 -30.95 17.30 19.62
CA GLU B 141 -30.11 17.90 20.65
C GLU B 141 -29.51 19.21 20.18
N ALA B 142 -29.04 19.24 18.93
CA ALA B 142 -28.46 20.46 18.39
C ALA B 142 -29.52 21.55 18.28
N LEU B 143 -30.73 21.19 17.83
CA LEU B 143 -31.80 22.17 17.72
C LEU B 143 -32.17 22.71 19.09
N GLU B 144 -32.25 21.82 20.08
CA GLU B 144 -32.57 22.27 21.44
C GLU B 144 -31.49 23.20 21.97
N ALA B 145 -30.22 22.87 21.75
CA ALA B 145 -29.14 23.74 22.16
C ALA B 145 -29.17 25.06 21.41
N ALA B 146 -29.42 25.01 20.10
CA ALA B 146 -29.53 26.25 19.33
C ALA B 146 -30.72 27.08 19.80
N SER B 147 -31.84 26.40 20.09
CA SER B 147 -33.04 27.08 20.55
C SER B 147 -32.84 27.73 21.90
N GLU B 148 -32.08 27.09 22.79
CA GLU B 148 -31.79 27.70 24.08
C GLU B 148 -30.98 28.97 23.92
N LEU B 149 -30.01 28.98 23.00
CA LEU B 149 -29.29 30.21 22.72
C LEU B 149 -30.16 31.22 22.00
N ASP B 150 -31.01 30.73 21.10
CA ASP B 150 -31.97 31.60 20.44
C ASP B 150 -32.84 32.32 21.46
N ASP B 151 -33.39 31.56 22.41
CA ASP B 151 -34.21 32.16 23.47
C ASP B 151 -33.41 33.16 24.27
N TRP B 152 -32.16 32.83 24.59
CA TRP B 152 -31.35 33.76 25.35
C TRP B 152 -31.15 35.05 24.56
N ILE B 153 -30.80 34.93 23.27
CA ILE B 153 -30.55 36.11 22.47
C ILE B 153 -31.83 36.95 22.35
N GLU B 154 -32.96 36.30 22.07
CA GLU B 154 -34.19 37.04 21.85
C GLU B 154 -34.66 37.76 23.11
N GLY B 155 -34.30 37.26 24.30
CA GLY B 155 -34.60 38.01 25.51
C GLY B 155 -33.93 39.37 25.57
N HIS B 156 -32.90 39.60 24.77
CA HIS B 156 -32.17 40.85 24.81
C HIS B 156 -32.25 41.67 23.54
N VAL B 157 -32.75 41.09 22.43
CA VAL B 157 -32.88 41.83 21.18
C VAL B 157 -34.21 41.43 20.55
N ASN B 158 -34.67 42.28 19.64
CA ASN B 158 -35.89 42.02 18.90
C ASN B 158 -35.51 41.44 17.55
N TYR B 159 -36.00 40.24 17.26
CA TYR B 159 -35.78 39.63 15.97
C TYR B 159 -36.66 40.26 14.91
N ALA B 160 -36.06 40.57 13.77
CA ALA B 160 -36.86 40.88 12.59
C ALA B 160 -37.79 39.71 12.32
N PHE B 161 -39.08 39.95 12.44
CA PHE B 161 -40.06 38.86 12.39
C PHE B 161 -41.38 39.40 11.86
N ASP B 162 -41.89 38.71 10.83
CA ASP B 162 -43.20 38.99 10.24
C ASP B 162 -44.12 37.85 10.63
N GLU B 163 -45.22 38.19 11.30
CA GLU B 163 -46.07 37.21 11.97
C GLU B 163 -46.78 36.30 10.98
N ARG B 164 -46.63 36.56 9.68
CA ARG B 164 -47.10 35.64 8.66
C ARG B 164 -46.01 35.13 7.74
N LEU B 165 -44.83 35.77 7.70
CA LEU B 165 -43.71 35.27 6.93
C LEU B 165 -42.62 34.62 7.80
N GLY B 166 -42.65 34.83 9.11
CA GLY B 166 -41.67 34.22 10.00
C GLY B 166 -40.45 35.08 10.21
N TYR B 167 -39.29 34.43 10.43
CA TYR B 167 -38.07 35.18 10.67
C TYR B 167 -37.58 35.78 9.36
N LEU B 168 -37.18 37.05 9.40
CA LEU B 168 -36.73 37.74 8.20
C LEU B 168 -35.22 37.62 8.08
N THR B 169 -34.79 36.96 7.02
CA THR B 169 -33.38 36.70 6.78
C THR B 169 -32.98 37.35 5.46
N SER B 170 -31.76 37.90 5.43
CA SER B 170 -31.24 38.60 4.26
C SER B 170 -31.48 37.81 2.99
N CYS B 171 -30.95 36.60 2.93
CA CYS B 171 -31.21 35.71 1.81
C CYS B 171 -32.49 34.93 2.05
N PRO B 172 -33.50 35.02 1.15
CA PRO B 172 -34.78 34.35 1.40
C PRO B 172 -34.66 32.83 1.42
N THR B 173 -33.44 32.33 1.32
CA THR B 173 -33.17 30.92 1.58
C THR B 173 -33.66 30.49 2.95
N ASN B 174 -33.71 31.42 3.90
CA ASN B 174 -33.96 31.10 5.29
C ASN B 174 -35.26 31.69 5.85
N VAL B 175 -35.92 32.59 5.10
CA VAL B 175 -37.10 33.26 5.65
C VAL B 175 -38.14 32.21 6.05
N GLY B 176 -38.74 32.42 7.21
CA GLY B 176 -39.60 31.44 7.83
C GLY B 176 -39.03 31.07 9.19
N THR B 177 -38.49 29.86 9.29
CA THR B 177 -37.88 29.44 10.55
C THR B 177 -36.46 29.97 10.71
N GLY B 178 -35.83 30.43 9.64
CA GLY B 178 -34.43 30.76 9.69
C GLY B 178 -33.57 29.54 9.99
N LEU B 179 -34.12 28.35 9.80
CA LEU B 179 -33.46 27.11 10.22
C LEU B 179 -32.85 26.41 9.03
N ARG B 180 -31.56 26.10 9.11
CA ARG B 180 -30.97 25.11 8.23
C ARG B 180 -30.42 24.02 9.11
N ALA B 181 -30.85 22.81 8.82
CA ALA B 181 -30.44 21.63 9.57
C ALA B 181 -29.64 20.79 8.59
N SER B 182 -28.49 20.30 9.02
CA SER B 182 -27.71 19.50 8.10
C SER B 182 -26.99 18.42 8.87
N VAL B 183 -26.69 17.35 8.16
CA VAL B 183 -25.92 16.26 8.72
C VAL B 183 -24.80 16.00 7.73
N MET B 184 -23.63 15.68 8.25
CA MET B 184 -22.55 15.23 7.41
C MET B 184 -22.41 13.73 7.59
N MET B 185 -22.38 13.01 6.51
CA MET B 185 -22.39 11.56 6.56
C MET B 185 -21.24 11.05 5.73
N HIS B 186 -20.67 9.96 6.20
CA HIS B 186 -19.65 9.26 5.47
C HIS B 186 -20.30 8.00 4.93
N LEU B 187 -20.41 7.89 3.62
CA LEU B 187 -21.16 6.81 3.01
C LEU B 187 -20.27 5.99 2.09
N PRO B 188 -19.11 5.53 2.57
CA PRO B 188 -18.20 4.82 1.66
C PRO B 188 -18.82 3.59 1.03
N ALA B 189 -19.67 2.86 1.75
CA ALA B 189 -20.18 1.60 1.20
C ALA B 189 -21.20 1.87 0.12
N LEU B 190 -22.05 2.88 0.31
CA LEU B 190 -23.00 3.22 -0.73
C LEU B 190 -22.30 3.75 -1.96
N VAL B 191 -21.19 4.46 -1.76
CA VAL B 191 -20.43 4.94 -2.91
C VAL B 191 -19.72 3.76 -3.58
N LEU B 192 -19.05 2.95 -2.78
CA LEU B 192 -18.32 1.81 -3.32
C LEU B 192 -19.24 0.90 -4.12
N THR B 193 -20.42 0.61 -3.59
CA THR B 193 -21.33 -0.29 -4.27
C THR B 193 -22.16 0.44 -5.30
N GLN B 194 -21.84 1.72 -5.54
CA GLN B 194 -22.49 2.52 -6.57
C GLN B 194 -24.00 2.58 -6.35
N GLN B 195 -24.39 2.86 -5.10
CA GLN B 195 -25.76 3.15 -4.71
C GLN B 195 -26.01 4.62 -4.46
N ILE B 196 -24.97 5.45 -4.49
CA ILE B 196 -25.12 6.83 -4.06
C ILE B 196 -26.07 7.58 -4.98
N ASN B 197 -25.99 7.34 -6.28
CA ASN B 197 -26.91 8.01 -7.20
C ASN B 197 -28.29 7.37 -7.18
N ARG B 198 -28.52 6.37 -6.33
CA ARG B 198 -29.85 5.90 -6.02
C ARG B 198 -30.44 6.68 -4.85
N ILE B 199 -29.62 7.07 -3.87
CA ILE B 199 -30.17 7.75 -2.72
C ILE B 199 -30.35 9.24 -2.97
N ILE B 200 -29.60 9.82 -3.92
CA ILE B 200 -29.77 11.24 -4.24
C ILE B 200 -31.20 11.56 -4.65
N PRO B 201 -31.80 10.86 -5.61
CA PRO B 201 -33.20 11.20 -5.97
C PRO B 201 -34.17 11.03 -4.81
N ALA B 202 -34.01 9.99 -3.99
CA ALA B 202 -34.88 9.83 -2.84
C ALA B 202 -34.78 11.03 -1.90
N ILE B 203 -33.58 11.60 -1.76
CA ILE B 203 -33.38 12.75 -0.90
C ILE B 203 -34.02 13.99 -1.52
N ASN B 204 -33.80 14.17 -2.83
CA ASN B 204 -34.36 15.32 -3.54
C ASN B 204 -35.87 15.29 -3.56
N GLN B 205 -36.46 14.09 -3.71
CA GLN B 205 -37.92 13.99 -3.72
C GLN B 205 -38.51 14.48 -2.41
N LEU B 206 -37.83 14.20 -1.30
CA LEU B 206 -38.28 14.64 0.00
C LEU B 206 -38.04 16.12 0.24
N GLY B 207 -37.35 16.81 -0.67
CA GLY B 207 -37.04 18.21 -0.49
C GLY B 207 -35.72 18.48 0.19
N LEU B 208 -35.03 17.44 0.65
CA LEU B 208 -33.72 17.69 1.22
C LEU B 208 -32.72 17.97 0.11
N VAL B 209 -31.56 18.46 0.51
CA VAL B 209 -30.46 18.76 -0.40
C VAL B 209 -29.27 17.92 0.03
N VAL B 210 -28.64 17.25 -0.92
CA VAL B 210 -27.45 16.46 -0.64
C VAL B 210 -26.32 17.00 -1.50
N ARG B 211 -25.20 17.33 -0.86
CA ARG B 211 -24.02 17.78 -1.57
C ARG B 211 -22.81 17.06 -1.02
N GLY B 212 -21.84 16.81 -1.90
CA GLY B 212 -20.52 16.41 -1.43
C GLY B 212 -19.87 17.56 -0.69
N THR B 213 -19.28 17.25 0.46
CA THR B 213 -18.66 18.31 1.24
C THR B 213 -17.33 18.75 0.62
N TYR B 214 -16.56 17.82 0.07
CA TYR B 214 -15.20 18.08 -0.37
C TYR B 214 -15.07 17.86 -1.87
N GLY B 215 -14.22 18.67 -2.49
CA GLY B 215 -14.01 18.62 -3.91
C GLY B 215 -14.80 19.71 -4.61
N GLU B 216 -14.88 19.56 -5.93
CA GLU B 216 -15.55 20.53 -6.78
C GLU B 216 -16.80 19.90 -7.38
N GLY B 217 -17.93 20.61 -7.25
CA GLY B 217 -19.21 20.25 -7.85
C GLY B 217 -19.53 18.78 -8.05
N SER B 218 -20.05 18.14 -7.00
CA SER B 218 -20.67 16.81 -6.99
C SER B 218 -19.71 15.63 -6.99
N GLU B 219 -18.39 15.82 -6.82
CA GLU B 219 -17.53 14.65 -6.79
C GLU B 219 -17.44 14.03 -5.39
N ALA B 220 -17.76 14.79 -4.35
CA ALA B 220 -17.91 14.31 -2.98
C ALA B 220 -16.69 13.49 -2.53
N LEU B 221 -15.54 14.16 -2.49
CA LEU B 221 -14.31 13.49 -2.08
C LEU B 221 -14.44 12.95 -0.66
N GLY B 222 -13.77 11.82 -0.42
CA GLY B 222 -13.90 11.22 0.88
C GLY B 222 -15.22 10.54 1.15
N ASN B 223 -16.13 10.53 0.18
CA ASN B 223 -17.47 9.99 0.35
C ASN B 223 -18.19 10.64 1.52
N ILE B 224 -17.97 11.95 1.67
CA ILE B 224 -18.58 12.70 2.74
C ILE B 224 -19.66 13.54 2.12
N PHE B 225 -20.87 13.34 2.59
CA PHE B 225 -22.02 14.03 2.03
C PHE B 225 -22.65 14.90 3.09
N GLN B 226 -23.14 16.05 2.67
CA GLN B 226 -23.91 16.87 3.56
C GLN B 226 -25.36 16.77 3.10
N ILE B 227 -26.24 16.40 4.01
CA ILE B 227 -27.67 16.35 3.72
C ILE B 227 -28.32 17.42 4.57
N SER B 228 -29.05 18.32 3.93
CA SER B 228 -29.60 19.45 4.64
C SER B 228 -31.03 19.67 4.19
N ASN B 229 -31.74 20.54 4.90
CA ASN B 229 -33.08 20.88 4.47
C ASN B 229 -33.03 21.99 3.43
N GLN B 230 -34.18 22.19 2.79
CA GLN B 230 -34.46 23.36 1.98
C GLN B 230 -35.91 23.81 2.13
N ILE B 231 -36.71 23.09 2.94
CA ILE B 231 -38.15 23.00 2.76
C ILE B 231 -38.94 24.13 3.43
N THR B 232 -38.27 25.01 4.18
CA THR B 232 -38.76 26.31 4.67
C THR B 232 -40.22 26.41 5.12
N LEU B 233 -41.00 27.27 4.43
CA LEU B 233 -42.05 28.07 5.07
C LEU B 233 -43.09 27.22 5.81
N GLY B 234 -43.55 26.14 5.21
CA GLY B 234 -44.61 25.37 5.82
C GLY B 234 -44.24 24.75 7.16
N LYS B 235 -43.16 23.98 7.18
CA LYS B 235 -42.88 23.08 8.28
C LYS B 235 -42.30 23.80 9.49
N SER B 236 -42.70 23.33 10.67
CA SER B 236 -42.07 23.71 11.93
C SER B 236 -40.59 23.34 11.90
N GLU B 237 -39.83 23.91 12.85
CA GLU B 237 -38.43 23.52 12.95
CA GLU B 237 -38.43 23.52 12.99
C GLU B 237 -38.30 22.06 13.37
N GLU B 238 -39.11 21.62 14.33
CA GLU B 238 -39.06 20.22 14.75
C GLU B 238 -39.44 19.29 13.60
N ASP B 239 -40.37 19.71 12.74
CA ASP B 239 -40.75 18.89 11.59
C ASP B 239 -39.66 18.87 10.53
N ILE B 240 -38.99 20.00 10.31
CA ILE B 240 -37.83 20.01 9.43
C ILE B 240 -36.78 19.03 9.94
N VAL B 241 -36.54 19.04 11.26
CA VAL B 241 -35.47 18.23 11.83
C VAL B 241 -35.88 16.77 11.89
N ALA B 242 -37.12 16.50 12.29
CA ALA B 242 -37.63 15.14 12.28
C ALA B 242 -37.55 14.54 10.88
N ASP B 243 -37.92 15.33 9.87
CA ASP B 243 -37.84 14.82 8.51
CA ASP B 243 -37.83 14.88 8.48
C ASP B 243 -36.40 14.53 8.10
N LEU B 244 -35.48 15.45 8.37
CA LEU B 244 -34.07 15.18 8.10
C LEU B 244 -33.57 13.99 8.91
N HIS B 245 -33.84 13.99 10.22
CA HIS B 245 -33.46 12.84 11.05
C HIS B 245 -33.95 11.53 10.45
N THR B 246 -35.22 11.49 10.03
CA THR B 246 -35.78 10.26 9.50
C THR B 246 -35.06 9.81 8.24
N ILE B 247 -34.81 10.74 7.32
CA ILE B 247 -34.10 10.39 6.10
C ILE B 247 -32.68 9.94 6.42
N VAL B 248 -32.04 10.60 7.38
CA VAL B 248 -30.68 10.23 7.74
C VAL B 248 -30.66 8.83 8.33
N GLU B 249 -31.65 8.51 9.16
CA GLU B 249 -31.68 7.17 9.72
C GLU B 249 -31.90 6.11 8.65
N GLN B 250 -32.67 6.43 7.60
CA GLN B 250 -32.80 5.49 6.49
C GLN B 250 -31.49 5.37 5.73
N LEU B 251 -30.80 6.49 5.53
CA LEU B 251 -29.50 6.46 4.88
C LEU B 251 -28.50 5.68 5.69
N ILE B 252 -28.51 5.87 7.01
CA ILE B 252 -27.65 5.08 7.90
C ILE B 252 -27.93 3.60 7.68
N ALA B 253 -29.21 3.23 7.69
CA ALA B 253 -29.56 1.82 7.54
C ALA B 253 -29.08 1.30 6.20
N GLN B 254 -29.19 2.12 5.16
CA GLN B 254 -28.75 1.68 3.85
C GLN B 254 -27.23 1.54 3.81
N GLU B 255 -26.50 2.47 4.43
CA GLU B 255 -25.05 2.37 4.50
C GLU B 255 -24.62 1.19 5.34
N ARG B 256 -25.28 0.94 6.50
CA ARG B 256 -24.90 -0.22 7.30
C ARG B 256 -25.20 -1.51 6.55
N ALA B 257 -26.32 -1.56 5.84
CA ALA B 257 -26.65 -2.74 5.07
C ALA B 257 -25.60 -2.99 3.99
N ALA B 258 -25.19 -1.91 3.30
CA ALA B 258 -24.16 -2.03 2.29
C ALA B 258 -22.84 -2.43 2.92
N ARG B 259 -22.48 -1.85 4.06
CA ARG B 259 -21.26 -2.27 4.75
C ARG B 259 -21.31 -3.74 5.13
N GLN B 260 -22.43 -4.19 5.67
CA GLN B 260 -22.50 -5.58 6.09
C GLN B 260 -22.49 -6.51 4.90
N ALA B 261 -23.13 -6.11 3.81
CA ALA B 261 -23.05 -6.89 2.58
C ALA B 261 -21.63 -6.97 2.07
N LEU B 262 -20.91 -5.84 2.13
CA LEU B 262 -19.52 -5.79 1.68
C LEU B 262 -18.64 -6.69 2.52
N VAL B 263 -18.83 -6.66 3.85
CA VAL B 263 -18.02 -7.51 4.71
C VAL B 263 -18.31 -8.97 4.41
N LYS B 264 -19.59 -9.32 4.31
CA LYS B 264 -19.98 -10.71 4.10
C LYS B 264 -19.50 -11.20 2.75
N THR B 265 -19.51 -10.35 1.74
CA THR B 265 -19.06 -10.74 0.41
C THR B 265 -17.55 -10.75 0.30
N LEU B 266 -16.90 -9.68 0.74
CA LEU B 266 -15.48 -9.49 0.46
C LEU B 266 -14.57 -10.04 1.55
N GLY B 267 -15.06 -10.04 2.79
CA GLY B 267 -14.28 -10.45 3.93
C GLY B 267 -12.87 -9.90 3.91
N ILE B 268 -11.90 -10.81 3.83
CA ILE B 268 -10.49 -10.41 3.88
C ILE B 268 -10.14 -9.49 2.72
N GLN B 269 -10.84 -9.59 1.58
CA GLN B 269 -10.54 -8.67 0.49
CA GLN B 269 -10.51 -8.66 0.50
C GLN B 269 -10.90 -7.23 0.87
N LEU B 270 -11.94 -7.05 1.66
CA LEU B 270 -12.27 -5.72 2.15
C LEU B 270 -11.23 -5.26 3.16
N GLU B 271 -10.84 -6.17 4.07
CA GLU B 271 -9.78 -5.83 5.01
C GLU B 271 -8.51 -5.43 4.27
N ASP B 272 -8.18 -6.16 3.21
CA ASP B 272 -7.02 -5.83 2.39
C ASP B 272 -7.17 -4.46 1.75
N LYS B 273 -8.35 -4.15 1.20
CA LYS B 273 -8.56 -2.87 0.56
C LYS B 273 -8.31 -1.73 1.55
N VAL B 274 -8.86 -1.81 2.75
CA VAL B 274 -8.72 -0.66 3.64
C VAL B 274 -7.31 -0.59 4.18
N PHE B 275 -6.65 -1.73 4.35
CA PHE B 275 -5.28 -1.67 4.83
C PHE B 275 -4.33 -1.20 3.76
N ARG B 276 -4.62 -1.50 2.50
CA ARG B 276 -3.77 -0.97 1.45
C ARG B 276 -3.94 0.53 1.37
N SER B 277 -5.15 1.00 1.53
CA SER B 277 -5.34 2.45 1.59
C SER B 277 -4.60 3.03 2.77
N TYR B 278 -4.68 2.38 3.92
CA TYR B 278 -3.86 2.79 5.04
C TYR B 278 -2.38 2.79 4.67
N GLY B 279 -1.91 1.72 4.03
CA GLY B 279 -0.49 1.64 3.70
C GLY B 279 -0.07 2.77 2.77
N ILE B 280 -0.91 3.14 1.82
CA ILE B 280 -0.59 4.27 0.95
C ILE B 280 -0.47 5.53 1.78
N LEU B 281 -1.46 5.79 2.63
CA LEU B 281 -1.48 7.03 3.38
C LEU B 281 -0.30 7.10 4.34
N ALA B 282 0.06 5.97 4.94
CA ALA B 282 1.16 5.92 5.90
C ALA B 282 2.52 6.08 5.22
N ASN B 283 2.63 5.80 3.93
CA ASN B 283 3.94 5.70 3.32
C ASN B 283 4.12 6.49 2.05
N CYS B 284 3.05 6.92 1.38
CA CYS B 284 3.27 7.50 0.07
C CYS B 284 3.99 8.85 0.23
N ARG B 285 4.74 9.22 -0.81
CA ARG B 285 5.41 10.49 -0.80
C ARG B 285 4.77 11.49 -1.75
N VAL B 286 3.85 11.03 -2.59
CA VAL B 286 3.16 11.88 -3.54
C VAL B 286 1.71 11.44 -3.54
N ILE B 287 0.80 12.34 -3.23
CA ILE B 287 -0.60 11.95 -3.29
C ILE B 287 -1.44 13.18 -3.59
N ASP B 288 -2.32 13.04 -4.58
CA ASP B 288 -3.21 14.16 -4.86
C ASP B 288 -4.41 14.10 -3.93
N SER B 289 -5.19 15.18 -3.94
CA SER B 289 -6.28 15.26 -2.96
C SER B 289 -7.33 14.20 -3.23
N LYS B 290 -7.55 13.82 -4.49
CA LYS B 290 -8.59 12.82 -4.77
C LYS B 290 -8.18 11.44 -4.26
N GLU B 291 -6.95 11.04 -4.52
CA GLU B 291 -6.52 9.75 -4.01
C GLU B 291 -6.47 9.76 -2.49
N ALA B 292 -5.97 10.84 -1.90
CA ALA B 292 -5.92 10.94 -0.45
C ALA B 292 -7.31 10.78 0.15
N ALA B 293 -8.29 11.49 -0.45
CA ALA B 293 -9.68 11.42 0.00
C ALA B 293 -10.22 10.00 -0.09
N GLN B 294 -9.99 9.32 -1.22
CA GLN B 294 -10.46 7.95 -1.36
C GLN B 294 -9.81 7.05 -0.32
N CYS B 295 -8.51 7.23 -0.11
CA CYS B 295 -7.81 6.39 0.86
C CYS B 295 -8.27 6.70 2.26
N LEU B 296 -8.45 7.98 2.59
CA LEU B 296 -8.94 8.33 3.91
C LEU B 296 -10.31 7.73 4.14
N SER B 297 -11.17 7.78 3.12
CA SER B 297 -12.48 7.18 3.27
C SER B 297 -12.37 5.70 3.55
N ASP B 298 -11.53 4.99 2.76
CA ASP B 298 -11.28 3.57 2.99
C ASP B 298 -10.78 3.32 4.40
N VAL B 299 -9.78 4.08 4.83
CA VAL B 299 -9.24 3.88 6.17
C VAL B 299 -10.32 4.10 7.21
N ARG B 300 -11.12 5.15 7.05
CA ARG B 300 -12.20 5.37 7.99
C ARG B 300 -13.16 4.19 7.99
N LEU B 301 -13.52 3.71 6.81
CA LEU B 301 -14.36 2.51 6.75
C LEU B 301 -13.69 1.34 7.45
N GLY B 302 -12.39 1.15 7.23
CA GLY B 302 -11.69 0.08 7.89
C GLY B 302 -11.67 0.24 9.39
N ILE B 303 -11.58 1.48 9.88
CA ILE B 303 -11.67 1.72 11.32
C ILE B 303 -13.08 1.42 11.81
N ASP B 304 -14.08 1.92 11.09
CA ASP B 304 -15.47 1.67 11.47
C ASP B 304 -15.75 0.18 11.53
N LEU B 305 -15.22 -0.58 10.58
CA LEU B 305 -15.45 -2.02 10.55
C LEU B 305 -14.57 -2.79 11.53
N GLY B 306 -13.70 -2.10 12.23
CA GLY B 306 -12.82 -2.71 13.19
C GLY B 306 -11.67 -3.48 12.59
N TYR B 307 -11.45 -3.39 11.27
CA TYR B 307 -10.23 -3.92 10.67
C TYR B 307 -9.02 -3.14 11.14
N ILE B 308 -9.09 -1.83 11.07
CA ILE B 308 -8.00 -0.95 11.45
C ILE B 308 -8.32 -0.52 12.87
N LYS B 309 -7.50 -0.94 13.81
CA LYS B 309 -7.84 -0.84 15.22
C LYS B 309 -6.99 0.17 15.97
N ASN B 310 -5.95 0.70 15.34
CA ASN B 310 -5.02 1.56 16.04
C ASN B 310 -4.94 2.95 15.43
N VAL B 311 -5.99 3.37 14.72
CA VAL B 311 -6.04 4.68 14.08
C VAL B 311 -7.35 5.35 14.48
N SER B 312 -7.28 6.60 14.94
CA SER B 312 -8.50 7.30 15.30
C SER B 312 -9.35 7.51 14.06
N ARG B 313 -10.65 7.24 14.17
CA ARG B 313 -11.53 7.49 13.03
C ARG B 313 -11.56 8.96 12.64
N ASN B 314 -11.16 9.84 13.55
CA ASN B 314 -11.16 11.27 13.27
C ASN B 314 -10.16 11.65 12.20
N ILE B 315 -9.25 10.74 11.85
CA ILE B 315 -8.32 10.96 10.76
C ILE B 315 -9.07 11.42 9.51
N LEU B 316 -10.24 10.85 9.24
CA LEU B 316 -10.99 11.25 8.06
C LEU B 316 -11.39 12.72 8.16
N ASN B 317 -12.07 13.08 9.23
CA ASN B 317 -12.52 14.45 9.47
C ASN B 317 -11.37 15.45 9.36
N GLU B 318 -10.28 15.18 10.08
CA GLU B 318 -9.17 16.12 10.10
C GLU B 318 -8.45 16.17 8.76
N LEU B 319 -8.10 15.02 8.22
CA LEU B 319 -7.26 15.07 7.04
C LEU B 319 -8.03 15.43 5.78
N MET B 320 -9.33 15.21 5.71
CA MET B 320 -10.05 15.76 4.57
C MET B 320 -9.88 17.26 4.46
N ILE B 321 -9.82 17.94 5.60
CA ILE B 321 -9.58 19.38 5.60
C ILE B 321 -8.17 19.68 5.16
N LEU B 322 -7.19 19.08 5.86
CA LEU B 322 -5.79 19.45 5.70
C LEU B 322 -5.24 19.11 4.32
N THR B 323 -5.88 18.18 3.61
CA THR B 323 -5.38 17.75 2.31
C THR B 323 -6.08 18.41 1.15
N GLN B 324 -7.08 19.25 1.41
CA GLN B 324 -7.67 20.02 0.32
C GLN B 324 -6.58 20.89 -0.32
N PRO B 325 -6.57 21.01 -1.65
CA PRO B 325 -5.50 21.78 -2.32
C PRO B 325 -5.41 23.22 -1.85
N GLY B 326 -6.55 23.91 -1.80
CA GLY B 326 -6.54 25.30 -1.41
C GLY B 326 -6.14 25.49 0.05
N PHE B 327 -6.70 24.66 0.93
CA PHE B 327 -6.30 24.76 2.33
C PHE B 327 -4.83 24.46 2.49
N LEU B 328 -4.35 23.43 1.80
CA LEU B 328 -2.95 23.09 1.89
C LEU B 328 -2.07 24.27 1.51
N GLN B 329 -2.40 24.97 0.42
CA GLN B 329 -1.63 26.16 0.06
C GLN B 329 -1.83 27.27 1.08
N GLN B 330 -3.08 27.54 1.45
CA GLN B 330 -3.36 28.53 2.49
C GLN B 330 -2.52 28.25 3.72
N TYR B 331 -2.48 26.99 4.16
CA TYR B 331 -1.67 26.63 5.31
C TYR B 331 -0.18 26.85 5.03
N ALA B 332 0.30 26.34 3.90
CA ALA B 332 1.71 26.52 3.54
C ALA B 332 2.08 27.99 3.40
N GLY B 333 1.10 28.89 3.36
CA GLY B 333 1.38 30.30 3.25
C GLY B 333 1.66 30.77 1.83
N GLY B 334 1.53 29.89 0.85
CA GLY B 334 1.88 30.29 -0.50
C GLY B 334 1.23 29.38 -1.53
N VAL B 335 1.31 29.86 -2.77
CA VAL B 335 0.84 29.07 -3.90
C VAL B 335 1.77 27.88 -4.08
N LEU B 336 1.19 26.72 -4.31
CA LEU B 336 1.97 25.50 -4.52
C LEU B 336 1.54 24.86 -5.81
N ARG B 337 2.52 24.46 -6.62
CA ARG B 337 2.23 23.66 -7.80
C ARG B 337 1.56 22.36 -7.37
N PRO B 338 0.79 21.74 -8.25
CA PRO B 338 0.14 20.46 -7.87
C PRO B 338 1.10 19.40 -7.39
N GLU B 339 2.26 19.25 -8.06
CA GLU B 339 3.24 18.27 -7.60
C GLU B 339 3.80 18.65 -6.24
N GLU B 340 3.94 19.94 -5.96
CA GLU B 340 4.39 20.37 -4.64
C GLU B 340 3.32 20.09 -3.60
N ARG B 341 2.05 20.34 -3.96
CA ARG B 341 0.94 20.02 -3.06
C ARG B 341 0.91 18.53 -2.75
N ASP B 342 1.09 17.70 -3.78
CA ASP B 342 1.03 16.26 -3.57
C ASP B 342 2.13 15.79 -2.63
N VAL B 343 3.31 16.40 -2.72
CA VAL B 343 4.39 16.03 -1.82
C VAL B 343 4.10 16.51 -0.42
N ARG B 344 3.63 17.76 -0.27
CA ARG B 344 3.33 18.21 1.08
C ARG B 344 2.14 17.45 1.65
N ARG B 345 1.15 17.16 0.81
CA ARG B 345 -0.03 16.44 1.26
C ARG B 345 0.37 15.07 1.79
N ALA B 346 1.16 14.33 1.02
CA ALA B 346 1.64 13.04 1.46
C ALA B 346 2.38 13.17 2.78
N ALA B 347 3.22 14.20 2.90
CA ALA B 347 4.00 14.34 4.11
C ALA B 347 3.10 14.61 5.31
N LEU B 348 2.13 15.51 5.15
CA LEU B 348 1.18 15.82 6.21
C LEU B 348 0.42 14.57 6.63
N ILE B 349 -0.06 13.82 5.64
CA ILE B 349 -0.81 12.61 5.95
C ILE B 349 0.07 11.61 6.69
N ARG B 350 1.28 11.34 6.15
CA ARG B 350 2.18 10.41 6.82
C ARG B 350 2.38 10.79 8.27
N GLU B 351 2.62 12.08 8.53
CA GLU B 351 2.90 12.54 9.88
C GLU B 351 1.71 12.30 10.79
N ARG B 352 0.52 12.68 10.33
CA ARG B 352 -0.67 12.46 11.13
C ARG B 352 -0.88 10.98 11.42
N LEU B 353 -0.58 10.10 10.46
CA LEU B 353 -0.67 8.67 10.75
C LEU B 353 0.48 8.17 11.60
N ARG B 354 1.63 8.85 11.55
CA ARG B 354 2.70 8.49 12.47
C ARG B 354 2.34 8.87 13.89
N MET B 355 1.62 9.97 14.07
CA MET B 355 1.15 10.32 15.39
C MET B 355 0.25 9.23 15.97
N GLU B 356 -0.48 8.53 15.08
CA GLU B 356 -1.36 7.44 15.53
C GLU B 356 -0.58 6.22 15.96
N THR B 357 0.54 5.94 15.28
CA THR B 357 1.34 4.76 15.61
C THR B 357 1.99 4.89 16.97
N ARG B 358 2.38 6.11 17.36
CA ARG B 358 2.89 6.36 18.70
C ARG B 358 1.76 6.35 19.73
#